data_4CZ8
#
_entry.id   4CZ8
#
_cell.length_a   54.493
_cell.length_b   107.944
_cell.length_c   107.928
_cell.angle_alpha   90.00
_cell.angle_beta   95.19
_cell.angle_gamma   90.00
#
_symmetry.space_group_name_H-M   'P 1 21 1'
#
loop_
_entity.id
_entity.type
_entity.pdbx_description
1 polymer 'NA+/H+ ANTIPORTER, PUTATIVE'
2 non-polymer 'octyl beta-D-glucopyranoside'
3 non-polymer PHOSPHATIDYLETHANOLAMINE
4 non-polymer TRIS(HYDROXYETHYL)AMINOMETHANE
5 non-polymer 'CITRATE ANION'
6 water water
#
_entity_poly.entity_id   1
_entity_poly.type   'polypeptide(L)'
_entity_poly.pdbx_seq_one_letter_code
;(MSE)IELSLAEALFLILFTGVIS(MSE)LISRRTGISYVPIFILTGLVIGPLLKLIPRDLAHEIFDFVRVFGLVIILFT
EGHNLSWRLLKKN(MSE)PTIVTLDTIGLILTALIAGFIFKVVFNSSFLLGFLFGAIIGATDPATLIPLFRQYRVKQDIE
TVIVTESIFNDPLGIVLTLIAIS(MSE)LVPGYGGGIFSTLSEKLGIYAGGVIYFLYNVSVSISLGIFLGILGYKFIKRT
GIFDFPEIEAFSLSLAFLGFFIGERLDASGYLVATVTGIVLGNYKLLKPRENIRILKRLQRAIEKEVHFNDTLAALATIF
IFVLLGAE(MSE)NLEVIWSNLGKGLLVALGV(MSE)ILARPLATLPLLKWWNFREYLFIALEGPRGVVPSALASLPLSL
ALKYKSPLLTVHWGEII(MSE)ATVVITVLTSVIVETLWIPILKDKLDVG
;
_entity_poly.pdbx_strand_id   A,B
#
# COMPACT_ATOMS: atom_id res chain seq x y z
N ILE A 2 -20.08 9.75 16.36
CA ILE A 2 -20.00 8.32 16.61
C ILE A 2 -18.60 7.78 16.32
N GLU A 3 -18.05 7.03 17.28
CA GLU A 3 -16.70 6.50 17.16
C GLU A 3 -16.56 5.57 15.96
N LEU A 4 -15.52 5.81 15.17
CA LEU A 4 -15.22 4.96 14.02
C LEU A 4 -14.17 3.94 14.37
N SER A 5 -14.08 2.88 13.56
CA SER A 5 -12.98 1.94 13.65
C SER A 5 -11.72 2.62 13.13
N LEU A 6 -10.57 2.04 13.43
CA LEU A 6 -9.30 2.55 12.91
C LEU A 6 -9.28 2.47 11.39
N ALA A 7 -9.71 1.33 10.87
CA ALA A 7 -9.78 1.11 9.43
C ALA A 7 -10.71 2.12 8.77
N GLU A 8 -11.85 2.37 9.41
CA GLU A 8 -12.80 3.37 8.93
C GLU A 8 -12.19 4.76 8.91
N ALA A 9 -11.30 5.02 9.88
CA ALA A 9 -10.60 6.30 9.95
C ALA A 9 -9.64 6.46 8.78
N LEU A 10 -8.78 5.46 8.60
CA LEU A 10 -7.83 5.45 7.47
C LEU A 10 -8.56 5.62 6.15
N PHE A 11 -9.58 4.81 5.94
CA PHE A 11 -10.40 4.90 4.74
C PHE A 11 -11.00 6.28 4.58
N LEU A 12 -11.42 6.89 5.69
CA LEU A 12 -12.05 8.20 5.64
C LEU A 12 -11.05 9.24 5.13
N ILE A 13 -9.82 9.16 5.67
CA ILE A 13 -8.73 10.00 5.21
C ILE A 13 -8.51 9.81 3.71
N LEU A 14 -8.50 8.55 3.26
CA LEU A 14 -8.31 8.25 1.85
C LEU A 14 -9.40 8.86 0.97
N PHE A 15 -10.65 8.52 1.26
CA PHE A 15 -11.80 8.98 0.49
C PHE A 15 -11.90 10.49 0.44
N THR A 16 -11.94 11.12 1.62
CA THR A 16 -11.99 12.58 1.70
C THR A 16 -10.82 13.21 0.95
N GLY A 17 -9.64 12.62 1.11
CA GLY A 17 -8.45 13.10 0.43
C GLY A 17 -8.56 13.06 -1.07
N VAL A 18 -9.08 11.97 -1.61
CA VAL A 18 -9.27 11.82 -3.05
C VAL A 18 -10.32 12.81 -3.57
N ILE A 19 -11.40 12.97 -2.83
CA ILE A 19 -12.43 13.96 -3.17
C ILE A 19 -11.78 15.34 -3.28
N SER A 20 -11.02 15.70 -2.25
CA SER A 20 -10.31 16.98 -2.23
C SER A 20 -9.29 17.10 -3.35
N LEU A 22 -9.65 15.62 -6.45
CA LEU A 22 -10.49 15.90 -7.61
C LEU A 22 -10.86 17.37 -7.63
N ILE A 23 -11.46 17.84 -6.53
CA ILE A 23 -11.83 19.24 -6.38
C ILE A 23 -10.65 20.18 -6.64
N SER A 24 -9.48 19.80 -6.16
CA SER A 24 -8.26 20.57 -6.37
C SER A 24 -7.92 20.72 -7.86
N ARG A 25 -7.90 19.59 -8.57
CA ARG A 25 -7.57 19.60 -10.00
C ARG A 25 -8.61 20.36 -10.83
N ARG A 26 -9.89 20.18 -10.48
CA ARG A 26 -10.98 20.84 -11.19
C ARG A 26 -10.97 22.35 -11.00
N THR A 27 -10.92 22.79 -9.74
CA THR A 27 -11.02 24.20 -9.41
C THR A 27 -9.73 24.97 -9.71
N GLY A 28 -8.63 24.24 -9.85
CA GLY A 28 -7.35 24.85 -10.18
C GLY A 28 -6.61 25.38 -8.97
N ILE A 29 -7.16 25.10 -7.79
CA ILE A 29 -6.52 25.49 -6.54
C ILE A 29 -5.43 24.50 -6.17
N SER A 30 -4.39 24.96 -5.49
CA SER A 30 -3.31 24.08 -5.03
C SER A 30 -3.85 22.97 -4.13
N TYR A 31 -3.32 21.76 -4.30
CA TYR A 31 -3.81 20.62 -3.54
C TYR A 31 -3.46 20.68 -2.06
N VAL A 32 -2.39 21.41 -1.73
CA VAL A 32 -1.93 21.50 -0.34
C VAL A 32 -2.96 22.10 0.63
N PRO A 33 -3.43 23.34 0.38
CA PRO A 33 -4.36 23.91 1.36
C PRO A 33 -5.71 23.20 1.35
N ILE A 34 -6.07 22.60 0.22
CA ILE A 34 -7.31 21.82 0.13
C ILE A 34 -7.23 20.57 0.99
N PHE A 35 -6.12 19.84 0.87
CA PHE A 35 -5.88 18.65 1.68
C PHE A 35 -5.83 19.00 3.17
N ILE A 36 -5.01 19.97 3.52
CA ILE A 36 -4.87 20.39 4.92
C ILE A 36 -6.21 20.84 5.50
N LEU A 37 -6.96 21.63 4.73
CA LEU A 37 -8.29 22.06 5.15
C LEU A 37 -9.22 20.87 5.35
N THR A 38 -9.11 19.87 4.48
CA THR A 38 -9.90 18.66 4.59
C THR A 38 -9.61 17.94 5.91
N GLY A 39 -8.32 17.73 6.18
CA GLY A 39 -7.89 17.14 7.44
C GLY A 39 -8.41 17.92 8.63
N LEU A 40 -8.38 19.24 8.52
CA LEU A 40 -8.91 20.10 9.58
C LEU A 40 -10.41 19.86 9.79
N VAL A 41 -11.13 19.73 8.68
CA VAL A 41 -12.57 19.47 8.74
C VAL A 41 -12.86 18.15 9.45
N ILE A 42 -12.33 17.05 8.91
CA ILE A 42 -12.58 15.74 9.49
C ILE A 42 -11.87 15.54 10.83
N GLY A 43 -10.92 16.43 11.13
CA GLY A 43 -10.19 16.35 12.38
C GLY A 43 -10.90 17.06 13.53
N PRO A 44 -10.20 18.01 14.17
CA PRO A 44 -10.68 18.73 15.36
C PRO A 44 -12.07 19.36 15.21
N LEU A 45 -12.50 19.61 13.97
CA LEU A 45 -13.80 20.22 13.72
C LEU A 45 -14.94 19.21 13.87
N LEU A 46 -14.71 17.97 13.43
CA LEU A 46 -15.71 16.93 13.51
C LEU A 46 -15.32 15.85 14.52
N LYS A 47 -14.06 15.83 14.91
CA LYS A 47 -13.54 14.84 15.86
C LYS A 47 -13.79 13.40 15.44
N LEU A 48 -13.84 13.18 14.12
CA LEU A 48 -13.93 11.83 13.58
C LEU A 48 -12.56 11.18 13.66
N ILE A 49 -11.53 12.00 13.61
CA ILE A 49 -10.15 11.53 13.73
C ILE A 49 -9.51 12.17 14.95
N PRO A 50 -9.49 11.45 16.08
CA PRO A 50 -8.84 11.91 17.31
C PRO A 50 -7.37 12.22 17.05
N ARG A 51 -6.86 13.29 17.66
CA ARG A 51 -5.49 13.74 17.38
C ARG A 51 -4.45 12.70 17.79
N ASP A 52 -4.76 11.94 18.83
CA ASP A 52 -3.90 10.85 19.27
C ASP A 52 -3.74 9.84 18.14
N LEU A 53 -4.88 9.39 17.62
CA LEU A 53 -4.91 8.48 16.49
C LEU A 53 -4.11 9.07 15.34
N ALA A 54 -4.29 10.36 15.08
CA ALA A 54 -3.56 11.07 14.04
C ALA A 54 -2.05 10.94 14.21
N HIS A 55 -1.58 11.13 15.44
CA HIS A 55 -0.16 10.94 15.76
C HIS A 55 0.27 9.52 15.41
N GLU A 56 -0.53 8.54 15.85
CA GLU A 56 -0.22 7.14 15.60
C GLU A 56 -0.12 6.77 14.12
N ILE A 57 -1.03 7.31 13.30
CA ILE A 57 -0.99 7.08 11.85
C ILE A 57 0.23 7.76 11.24
N PHE A 58 0.46 9.00 11.65
CA PHE A 58 1.54 9.81 11.09
C PHE A 58 2.91 9.22 11.43
N ASP A 59 3.00 8.47 12.52
CA ASP A 59 4.26 7.81 12.87
C ASP A 59 4.63 6.71 11.88
N PHE A 60 3.64 6.20 11.15
CA PHE A 60 3.88 5.20 10.10
C PHE A 60 4.04 5.89 8.75
N VAL A 61 3.06 6.71 8.41
CA VAL A 61 3.03 7.42 7.14
C VAL A 61 4.30 8.24 6.95
N ARG A 62 4.87 8.69 8.06
CA ARG A 62 6.17 9.36 8.06
C ARG A 62 7.19 8.48 7.35
N VAL A 63 7.58 7.38 7.99
CA VAL A 63 8.54 6.43 7.43
C VAL A 63 8.16 5.98 6.01
N PHE A 64 7.09 5.18 5.92
CA PHE A 64 6.72 4.56 4.64
C PHE A 64 6.53 5.60 3.53
N GLY A 65 5.65 6.55 3.81
CA GLY A 65 5.35 7.62 2.86
C GLY A 65 6.57 8.37 2.39
N LEU A 66 7.38 8.87 3.32
CA LEU A 66 8.58 9.60 2.94
C LEU A 66 9.52 8.77 2.08
N VAL A 67 9.78 7.53 2.51
CA VAL A 67 10.64 6.64 1.74
C VAL A 67 10.17 6.48 0.30
N ILE A 68 8.92 6.06 0.12
CA ILE A 68 8.41 5.82 -1.23
C ILE A 68 8.29 7.09 -2.08
N ILE A 69 7.90 8.20 -1.44
CA ILE A 69 7.80 9.49 -2.12
C ILE A 69 9.16 9.93 -2.66
N LEU A 70 10.17 9.88 -1.80
CA LEU A 70 11.53 10.28 -2.18
C LEU A 70 12.11 9.37 -3.26
N PHE A 71 11.97 8.06 -3.04
CA PHE A 71 12.43 7.08 -4.03
C PHE A 71 11.78 7.34 -5.39
N THR A 72 10.51 7.72 -5.36
CA THR A 72 9.80 8.10 -6.58
C THR A 72 10.41 9.37 -7.19
N GLU A 73 10.73 10.33 -6.34
CA GLU A 73 11.33 11.59 -6.77
C GLU A 73 12.64 11.39 -7.50
N GLY A 74 13.41 10.38 -7.05
CA GLY A 74 14.70 10.08 -7.66
C GLY A 74 14.62 9.79 -9.15
N HIS A 75 13.53 9.14 -9.57
CA HIS A 75 13.36 8.74 -10.96
C HIS A 75 13.30 9.93 -11.94
N ASN A 76 12.78 11.06 -11.47
CA ASN A 76 12.55 12.21 -12.33
C ASN A 76 13.76 13.13 -12.49
N LEU A 77 14.95 12.59 -12.24
CA LEU A 77 16.18 13.39 -12.36
C LEU A 77 17.02 12.96 -13.56
N SER A 78 17.54 13.94 -14.29
CA SER A 78 18.44 13.68 -15.41
C SER A 78 19.86 14.07 -15.02
N TRP A 79 20.81 13.16 -15.27
CA TRP A 79 22.21 13.40 -14.94
C TRP A 79 22.81 14.46 -15.87
N ARG A 80 22.32 14.48 -17.11
CA ARG A 80 22.77 15.46 -18.10
C ARG A 80 22.54 16.89 -17.61
N LEU A 81 21.29 17.18 -17.28
CA LEU A 81 20.91 18.50 -16.78
C LEU A 81 21.65 18.83 -15.48
N LEU A 82 21.95 17.80 -14.70
CA LEU A 82 22.73 17.98 -13.47
C LEU A 82 24.12 18.48 -13.82
N LYS A 83 24.77 17.82 -14.78
CA LYS A 83 26.06 18.25 -15.29
C LYS A 83 25.99 19.67 -15.83
N LYS A 84 24.85 20.01 -16.42
CA LYS A 84 24.67 21.34 -17.02
C LYS A 84 24.71 22.46 -15.98
N ASN A 85 24.17 22.18 -14.79
CA ASN A 85 24.12 23.19 -13.73
C ASN A 85 24.66 22.68 -12.39
N PRO A 87 27.35 23.19 -10.30
CA PRO A 87 27.75 24.00 -9.14
C PRO A 87 26.56 24.66 -8.45
N THR A 88 25.58 25.10 -9.22
CA THR A 88 24.37 25.71 -8.68
C THR A 88 23.60 24.71 -7.82
N ILE A 89 23.39 23.52 -8.37
CA ILE A 89 22.71 22.43 -7.67
C ILE A 89 23.39 22.10 -6.35
N VAL A 90 24.67 21.71 -6.43
CA VAL A 90 25.47 21.38 -5.26
C VAL A 90 25.44 22.50 -4.22
N THR A 91 25.55 23.75 -4.68
CA THR A 91 25.50 24.90 -3.79
C THR A 91 24.17 24.97 -3.03
N LEU A 92 23.08 24.91 -3.78
CA LEU A 92 21.74 24.99 -3.19
C LEU A 92 21.46 23.87 -2.19
N ASP A 93 21.70 22.63 -2.61
CA ASP A 93 21.41 21.48 -1.76
C ASP A 93 22.28 21.44 -0.51
N THR A 94 23.49 21.97 -0.61
CA THR A 94 24.43 21.98 0.51
C THR A 94 24.41 23.32 1.25
N ILE A 95 25.13 24.30 0.72
CA ILE A 95 25.31 25.60 1.36
C ILE A 95 23.99 26.32 1.63
N GLY A 96 23.26 26.63 0.56
CA GLY A 96 21.99 27.34 0.65
C GLY A 96 21.02 26.72 1.63
N LEU A 97 21.01 25.39 1.68
CA LEU A 97 20.15 24.65 2.60
C LEU A 97 20.51 24.95 4.05
N ILE A 98 21.77 24.70 4.41
CA ILE A 98 22.26 24.92 5.76
C ILE A 98 22.03 26.36 6.19
N LEU A 99 22.40 27.30 5.32
CA LEU A 99 22.20 28.71 5.59
C LEU A 99 20.72 29.02 5.85
N THR A 100 19.85 28.49 5.00
CA THR A 100 18.40 28.66 5.16
C THR A 100 17.95 28.22 6.54
N ALA A 101 18.33 26.99 6.90
CA ALA A 101 17.98 26.44 8.20
C ALA A 101 18.49 27.31 9.35
N LEU A 102 19.73 27.79 9.24
CA LEU A 102 20.33 28.63 10.27
C LEU A 102 19.58 29.94 10.46
N ILE A 103 19.34 30.67 9.36
CA ILE A 103 18.62 31.93 9.41
C ILE A 103 17.22 31.74 9.97
N ALA A 104 16.55 30.68 9.52
CA ALA A 104 15.23 30.33 10.03
C ALA A 104 15.29 30.11 11.54
N GLY A 105 16.40 29.52 12.00
CA GLY A 105 16.62 29.32 13.41
C GLY A 105 16.76 30.63 14.17
N PHE A 106 17.51 31.55 13.56
CA PHE A 106 17.69 32.89 14.11
C PHE A 106 16.33 33.55 14.31
N ILE A 107 15.57 33.66 13.23
CA ILE A 107 14.24 34.28 13.26
C ILE A 107 13.32 33.63 14.30
N PHE A 108 13.25 32.30 14.25
CA PHE A 108 12.39 31.53 15.15
C PHE A 108 12.76 31.79 16.60
N LYS A 109 14.05 31.88 16.89
CA LYS A 109 14.52 32.17 18.23
C LYS A 109 14.22 33.61 18.63
N VAL A 110 14.18 34.50 17.63
CA VAL A 110 13.89 35.91 17.87
C VAL A 110 12.43 36.13 18.26
N VAL A 111 11.51 35.55 17.49
CA VAL A 111 10.07 35.76 17.70
C VAL A 111 9.61 35.41 19.12
N PHE A 112 10.13 34.32 19.67
CA PHE A 112 9.85 33.93 21.05
C PHE A 112 11.09 33.32 21.70
N ASN A 113 11.27 33.54 23.00
CA ASN A 113 12.45 33.05 23.70
C ASN A 113 12.63 31.53 23.57
N SER A 114 13.76 31.13 23.00
CA SER A 114 14.02 29.71 22.77
C SER A 114 15.52 29.46 22.66
N SER A 115 15.90 28.20 22.75
CA SER A 115 17.27 27.81 22.44
C SER A 115 17.45 27.97 20.94
N PHE A 116 18.68 28.22 20.51
CA PHE A 116 18.95 28.35 19.08
C PHE A 116 18.85 26.98 18.40
N LEU A 117 18.91 25.92 19.20
CA LEU A 117 18.76 24.57 18.70
C LEU A 117 17.33 24.26 18.30
N LEU A 118 16.36 24.83 19.03
CA LEU A 118 14.96 24.68 18.69
C LEU A 118 14.68 25.32 17.33
N GLY A 119 15.11 26.57 17.18
CA GLY A 119 15.00 27.27 15.92
C GLY A 119 15.71 26.54 14.80
N PHE A 120 16.88 25.98 15.11
CA PHE A 120 17.65 25.25 14.11
C PHE A 120 16.91 24.00 13.66
N LEU A 121 16.22 23.37 14.60
CA LEU A 121 15.37 22.23 14.29
C LEU A 121 14.27 22.68 13.33
N PHE A 122 13.62 23.78 13.67
CA PHE A 122 12.58 24.37 12.82
C PHE A 122 13.06 24.61 11.40
N GLY A 123 14.24 25.22 11.28
CA GLY A 123 14.80 25.51 9.97
C GLY A 123 15.16 24.25 9.20
N ALA A 124 15.75 23.29 9.91
CA ALA A 124 16.11 22.01 9.31
C ALA A 124 14.88 21.27 8.77
N ILE A 125 13.75 21.45 9.44
CA ILE A 125 12.49 20.86 8.99
C ILE A 125 12.04 21.44 7.65
N ILE A 126 11.93 22.77 7.60
CA ILE A 126 11.47 23.47 6.41
C ILE A 126 12.60 23.71 5.42
N GLY A 127 13.73 23.04 5.62
CA GLY A 127 14.88 23.20 4.74
C GLY A 127 14.56 22.85 3.30
N ALA A 128 13.91 21.70 3.10
CA ALA A 128 13.57 21.22 1.76
C ALA A 128 12.51 22.10 1.11
N THR A 129 12.43 22.02 -0.22
CA THR A 129 11.41 22.74 -0.98
C THR A 129 10.55 21.75 -1.77
N ASP A 130 9.38 22.18 -2.20
CA ASP A 130 8.47 21.32 -2.97
C ASP A 130 7.72 22.14 -4.02
N PRO A 131 8.28 22.20 -5.24
CA PRO A 131 7.73 22.98 -6.34
C PRO A 131 6.66 22.21 -7.11
N ALA A 132 6.21 21.10 -6.54
CA ALA A 132 5.21 20.25 -7.18
C ALA A 132 3.92 20.99 -7.48
N THR A 133 3.61 21.99 -6.66
CA THR A 133 2.41 22.80 -6.85
C THR A 133 2.66 24.00 -7.76
N LEU A 134 3.88 24.12 -8.26
CA LEU A 134 4.27 25.26 -9.09
C LEU A 134 4.35 24.91 -10.58
N ILE A 135 4.84 23.71 -10.88
CA ILE A 135 5.03 23.25 -12.25
C ILE A 135 3.84 23.46 -13.21
N PRO A 136 2.60 23.18 -12.75
CA PRO A 136 1.47 23.44 -13.66
C PRO A 136 1.35 24.89 -14.11
N LEU A 137 1.99 25.81 -13.39
CA LEU A 137 2.00 27.22 -13.78
C LEU A 137 3.30 27.58 -14.51
N PHE A 138 4.33 26.77 -14.33
CA PHE A 138 5.59 26.96 -15.04
C PHE A 138 5.40 26.74 -16.54
N ARG A 139 4.95 25.53 -16.89
CA ARG A 139 4.71 25.17 -18.28
C ARG A 139 3.60 26.05 -18.86
N GLN A 140 2.71 26.50 -17.99
CA GLN A 140 1.61 27.39 -18.36
C GLN A 140 2.13 28.72 -18.90
N TYR A 141 3.19 29.24 -18.27
CA TYR A 141 3.72 30.54 -18.66
C TYR A 141 5.06 30.45 -19.40
N ARG A 142 5.37 29.25 -19.90
CA ARG A 142 6.57 29.03 -20.71
C ARG A 142 7.84 29.55 -20.05
N VAL A 143 7.99 29.29 -18.75
CA VAL A 143 9.15 29.75 -18.01
C VAL A 143 10.40 29.01 -18.49
N LYS A 144 11.56 29.64 -18.31
CA LYS A 144 12.83 29.08 -18.76
C LYS A 144 13.04 27.64 -18.29
N GLN A 145 13.53 26.80 -19.20
CA GLN A 145 13.74 25.38 -18.90
C GLN A 145 14.82 25.19 -17.86
N ASP A 146 15.90 25.95 -18.01
CA ASP A 146 17.06 25.86 -17.13
C ASP A 146 16.71 26.07 -15.66
N ILE A 147 16.02 27.16 -15.36
CA ILE A 147 15.66 27.48 -13.98
C ILE A 147 14.71 26.46 -13.38
N GLU A 148 13.85 25.87 -14.21
CA GLU A 148 12.95 24.81 -13.76
C GLU A 148 13.76 23.59 -13.36
N THR A 149 14.69 23.21 -14.23
CA THR A 149 15.62 22.12 -13.94
C THR A 149 16.33 22.37 -12.60
N VAL A 150 16.85 23.58 -12.45
CA VAL A 150 17.53 24.00 -11.23
C VAL A 150 16.65 23.81 -9.99
N ILE A 151 15.48 24.42 -9.99
CA ILE A 151 14.55 24.34 -8.86
C ILE A 151 14.17 22.89 -8.53
N VAL A 152 13.74 22.15 -9.54
CA VAL A 152 13.33 20.76 -9.38
C VAL A 152 14.43 19.89 -8.77
N THR A 153 15.60 19.90 -9.40
CA THR A 153 16.75 19.12 -8.92
C THR A 153 17.11 19.53 -7.49
N GLU A 154 17.08 20.84 -7.25
CA GLU A 154 17.34 21.39 -5.92
C GLU A 154 16.43 20.74 -4.90
N SER A 155 15.12 20.81 -5.12
CA SER A 155 14.15 20.17 -4.23
C SER A 155 14.41 18.68 -4.07
N ILE A 156 14.69 18.01 -5.19
CA ILE A 156 14.98 16.58 -5.21
C ILE A 156 16.08 16.22 -4.20
N PHE A 157 17.15 17.01 -4.17
CA PHE A 157 18.22 16.75 -3.21
C PHE A 157 17.96 17.36 -1.82
N ASN A 158 17.08 18.36 -1.75
CA ASN A 158 16.78 19.04 -0.50
C ASN A 158 15.90 18.20 0.42
N ASP A 159 15.02 17.40 -0.19
CA ASP A 159 14.12 16.54 0.57
C ASP A 159 14.82 15.53 1.51
N PRO A 160 15.87 14.81 1.02
CA PRO A 160 16.57 13.92 1.96
C PRO A 160 17.46 14.68 2.92
N LEU A 161 18.28 15.59 2.39
CA LEU A 161 19.21 16.36 3.20
C LEU A 161 18.49 17.18 4.27
N GLY A 162 17.30 17.66 3.95
CA GLY A 162 16.47 18.37 4.91
C GLY A 162 16.15 17.51 6.11
N ILE A 163 15.96 16.21 5.86
CA ILE A 163 15.75 15.25 6.93
C ILE A 163 17.05 15.02 7.69
N VAL A 164 18.15 14.92 6.95
CA VAL A 164 19.47 14.73 7.55
C VAL A 164 19.79 15.84 8.54
N LEU A 165 19.53 17.08 8.13
CA LEU A 165 19.68 18.22 9.00
C LEU A 165 18.70 18.12 10.17
N THR A 166 17.47 17.69 9.88
CA THR A 166 16.47 17.46 10.91
C THR A 166 16.90 16.30 11.79
N LEU A 167 17.57 15.31 11.19
CA LEU A 167 18.12 14.19 11.95
C LEU A 167 19.21 14.67 12.90
N ILE A 168 20.02 15.63 12.43
CA ILE A 168 21.07 16.23 13.25
C ILE A 168 20.49 16.94 14.46
N ALA A 169 19.63 17.91 14.22
CA ALA A 169 19.01 18.71 15.28
C ALA A 169 18.32 17.84 16.32
N ILE A 170 17.72 16.74 15.88
CA ILE A 170 17.10 15.78 16.78
C ILE A 170 18.16 15.06 17.63
N SER A 171 19.21 14.58 16.98
CA SER A 171 20.27 13.82 17.65
C SER A 171 20.85 14.56 18.86
N LEU A 173 19.13 17.08 20.73
CA LEU A 173 18.12 17.33 21.75
C LEU A 173 17.67 16.08 22.51
N VAL A 174 17.81 14.92 21.87
CA VAL A 174 17.43 13.66 22.52
C VAL A 174 18.61 12.73 22.74
N PRO A 175 18.63 12.04 23.89
CA PRO A 175 19.72 11.10 24.22
C PRO A 175 19.57 9.79 23.46
N GLY A 176 18.38 9.53 22.95
CA GLY A 176 18.10 8.31 22.22
C GLY A 176 18.91 8.18 20.94
N TYR A 177 18.74 9.15 20.04
CA TYR A 177 19.46 9.14 18.77
C TYR A 177 20.94 9.44 18.95
N GLY A 178 21.32 9.86 20.15
CA GLY A 178 22.68 10.25 20.45
C GLY A 178 23.74 9.23 20.09
N GLY A 179 23.71 8.08 20.78
CA GLY A 179 24.68 7.03 20.58
C GLY A 179 24.86 6.59 19.14
N GLY A 180 25.99 6.99 18.56
CA GLY A 180 26.32 6.68 17.18
C GLY A 180 27.57 7.39 16.72
N ILE A 181 27.83 7.34 15.42
CA ILE A 181 28.99 8.00 14.83
C ILE A 181 28.96 9.51 15.09
N PHE A 182 27.75 10.08 14.99
CA PHE A 182 27.56 11.51 15.24
C PHE A 182 28.01 11.91 16.64
N SER A 183 27.69 11.09 17.63
CA SER A 183 28.09 11.34 19.01
C SER A 183 29.62 11.38 19.11
N THR A 184 30.25 10.36 18.57
CA THR A 184 31.71 10.25 18.56
C THR A 184 32.36 11.49 17.95
N LEU A 185 31.95 11.81 16.72
CA LEU A 185 32.55 12.91 15.98
C LEU A 185 32.30 14.27 16.65
N SER A 186 31.07 14.51 17.09
CA SER A 186 30.70 15.77 17.73
C SER A 186 31.45 15.96 19.06
N GLU A 187 31.58 14.88 19.83
CA GLU A 187 32.34 14.95 21.07
C GLU A 187 33.81 15.20 20.75
N LYS A 188 34.26 14.64 19.63
CA LYS A 188 35.66 14.73 19.26
C LYS A 188 36.08 16.14 18.82
N LEU A 189 35.26 16.78 17.99
CA LEU A 189 35.66 18.04 17.38
C LEU A 189 34.65 19.17 17.57
N GLY A 190 33.83 19.08 18.62
CA GLY A 190 32.81 20.08 18.87
C GLY A 190 31.55 19.83 18.06
N ILE A 191 30.43 20.42 18.48
CA ILE A 191 29.15 20.18 17.84
C ILE A 191 29.08 20.68 16.39
N TYR A 192 29.76 21.78 16.11
CA TYR A 192 29.74 22.39 14.79
C TYR A 192 30.51 21.54 13.78
N ALA A 193 31.80 21.41 14.01
CA ALA A 193 32.66 20.62 13.14
C ALA A 193 32.17 19.19 13.05
N GLY A 194 31.76 18.62 14.19
CA GLY A 194 31.22 17.28 14.24
C GLY A 194 29.97 17.15 13.37
N GLY A 195 29.11 18.15 13.44
CA GLY A 195 27.91 18.19 12.61
C GLY A 195 28.25 18.20 11.14
N VAL A 196 29.22 19.03 10.76
CA VAL A 196 29.63 19.13 9.36
C VAL A 196 30.27 17.85 8.82
N ILE A 197 31.19 17.28 9.60
CA ILE A 197 31.87 16.05 9.17
C ILE A 197 30.90 14.87 9.13
N TYR A 198 29.94 14.85 10.04
CA TYR A 198 28.91 13.80 10.00
C TYR A 198 27.98 14.03 8.82
N PHE A 199 27.80 15.28 8.43
CA PHE A 199 27.03 15.60 7.23
C PHE A 199 27.72 15.00 6.02
N LEU A 200 29.02 15.30 5.87
CA LEU A 200 29.82 14.77 4.78
C LEU A 200 29.83 13.23 4.78
N TYR A 201 29.95 12.64 5.95
CA TYR A 201 29.95 11.19 6.10
C TYR A 201 28.65 10.57 5.62
N ASN A 202 27.55 10.99 6.24
CA ASN A 202 26.22 10.52 5.89
C ASN A 202 25.95 10.67 4.40
N VAL A 203 26.16 11.87 3.87
CA VAL A 203 25.99 12.13 2.45
C VAL A 203 26.81 11.19 1.58
N SER A 204 28.11 11.12 1.81
CA SER A 204 29.02 10.29 1.03
C SER A 204 28.63 8.81 1.03
N VAL A 205 28.50 8.24 2.23
CA VAL A 205 28.17 6.83 2.38
C VAL A 205 26.80 6.50 1.77
N SER A 206 25.79 7.29 2.11
CA SER A 206 24.45 7.09 1.57
C SER A 206 24.42 7.15 0.04
N ILE A 207 25.06 8.17 -0.53
CA ILE A 207 25.14 8.32 -1.98
C ILE A 207 25.83 7.12 -2.64
N SER A 208 27.06 6.84 -2.21
CA SER A 208 27.84 5.75 -2.78
C SER A 208 27.10 4.42 -2.69
N LEU A 209 26.45 4.19 -1.56
CA LEU A 209 25.70 2.96 -1.34
C LEU A 209 24.47 2.88 -2.24
N GLY A 210 23.79 4.01 -2.40
CA GLY A 210 22.61 4.08 -3.26
C GLY A 210 22.97 3.81 -4.72
N ILE A 211 24.10 4.37 -5.15
CA ILE A 211 24.62 4.10 -6.49
C ILE A 211 24.95 2.61 -6.63
N PHE A 212 25.59 2.06 -5.60
CA PHE A 212 25.97 0.65 -5.58
C PHE A 212 24.76 -0.27 -5.77
N LEU A 213 23.79 -0.15 -4.86
CA LEU A 213 22.58 -0.96 -4.90
C LEU A 213 21.75 -0.68 -6.16
N GLY A 214 21.91 0.53 -6.70
CA GLY A 214 21.25 0.88 -7.94
C GLY A 214 21.79 0.07 -9.10
N ILE A 215 23.10 0.17 -9.32
CA ILE A 215 23.78 -0.59 -10.37
C ILE A 215 23.56 -2.09 -10.21
N LEU A 216 23.71 -2.57 -8.99
CA LEU A 216 23.48 -3.99 -8.68
C LEU A 216 22.05 -4.37 -9.05
N GLY A 217 21.12 -3.46 -8.77
CA GLY A 217 19.72 -3.67 -9.13
C GLY A 217 19.53 -3.82 -10.62
N TYR A 218 19.97 -2.82 -11.38
CA TYR A 218 19.84 -2.86 -12.83
C TYR A 218 20.47 -4.10 -13.45
N LYS A 219 21.67 -4.46 -12.98
CA LYS A 219 22.36 -5.63 -13.48
C LYS A 219 21.59 -6.91 -13.17
N PHE A 220 21.07 -6.99 -11.95
CA PHE A 220 20.26 -8.13 -11.52
C PHE A 220 19.05 -8.29 -12.43
N ILE A 221 18.24 -7.23 -12.52
CA ILE A 221 17.07 -7.19 -13.39
C ILE A 221 17.44 -7.61 -14.81
N LYS A 222 18.56 -7.09 -15.30
CA LYS A 222 19.04 -7.39 -16.64
C LYS A 222 19.30 -8.88 -16.84
N ARG A 223 19.94 -9.49 -15.85
CA ARG A 223 20.27 -10.92 -15.95
C ARG A 223 19.05 -11.82 -15.82
N THR A 224 18.22 -11.61 -14.81
CA THR A 224 17.09 -12.50 -14.57
C THR A 224 15.82 -12.11 -15.33
N GLY A 225 15.96 -11.18 -16.27
CA GLY A 225 14.86 -10.80 -17.16
C GLY A 225 13.57 -10.37 -16.48
N ILE A 226 13.67 -9.44 -15.53
CA ILE A 226 12.50 -8.93 -14.83
C ILE A 226 11.83 -7.82 -15.64
N PHE A 227 10.75 -8.17 -16.34
CA PHE A 227 10.01 -7.21 -17.16
C PHE A 227 8.52 -7.47 -17.06
N ASP A 228 8.17 -8.74 -16.92
CA ASP A 228 6.78 -9.14 -16.85
C ASP A 228 6.15 -8.74 -15.52
N PHE A 229 4.93 -8.25 -15.58
CA PHE A 229 4.12 -7.98 -14.40
C PHE A 229 3.97 -9.28 -13.62
N PRO A 230 4.02 -9.20 -12.28
CA PRO A 230 4.23 -8.00 -11.48
C PRO A 230 5.58 -8.03 -10.76
N GLU A 231 6.53 -8.80 -11.29
CA GLU A 231 7.85 -8.94 -10.65
C GLU A 231 8.55 -7.60 -10.46
N ILE A 232 8.53 -6.76 -11.49
CA ILE A 232 9.29 -5.52 -11.52
C ILE A 232 8.90 -4.52 -10.41
N GLU A 233 7.60 -4.31 -10.22
CA GLU A 233 7.12 -3.39 -9.18
C GLU A 233 7.55 -3.85 -7.79
N ALA A 234 7.22 -5.09 -7.48
CA ALA A 234 7.57 -5.69 -6.20
C ALA A 234 9.08 -5.61 -5.93
N PHE A 235 9.88 -6.02 -6.91
CA PHE A 235 11.33 -5.99 -6.77
C PHE A 235 11.84 -4.57 -6.58
N SER A 236 11.22 -3.60 -7.24
CA SER A 236 11.63 -2.21 -7.14
C SER A 236 11.39 -1.69 -5.74
N LEU A 237 10.17 -1.89 -5.26
CA LEU A 237 9.78 -1.51 -3.90
C LEU A 237 10.75 -2.13 -2.89
N SER A 238 10.96 -3.44 -3.04
CA SER A 238 11.89 -4.18 -2.22
C SER A 238 13.29 -3.56 -2.24
N LEU A 239 13.72 -3.13 -3.42
CA LEU A 239 15.05 -2.55 -3.60
C LEU A 239 15.17 -1.23 -2.85
N ALA A 240 14.19 -0.36 -3.06
CA ALA A 240 14.16 0.93 -2.40
C ALA A 240 14.21 0.79 -0.89
N PHE A 241 13.31 -0.02 -0.34
CA PHE A 241 13.27 -0.19 1.11
C PHE A 241 14.52 -0.90 1.65
N LEU A 242 15.07 -1.82 0.87
CA LEU A 242 16.34 -2.47 1.21
C LEU A 242 17.42 -1.43 1.41
N GLY A 243 17.59 -0.58 0.41
CA GLY A 243 18.51 0.53 0.48
C GLY A 243 18.26 1.39 1.70
N PHE A 244 16.99 1.65 1.99
CA PHE A 244 16.62 2.43 3.17
C PHE A 244 17.14 1.82 4.46
N PHE A 245 16.74 0.57 4.74
CA PHE A 245 17.10 -0.10 5.97
C PHE A 245 18.62 -0.28 6.12
N ILE A 246 19.26 -0.77 5.06
CA ILE A 246 20.71 -0.93 5.07
C ILE A 246 21.39 0.39 5.38
N GLY A 247 20.98 1.45 4.69
CA GLY A 247 21.53 2.77 4.91
C GLY A 247 21.33 3.28 6.32
N GLU A 248 20.17 2.96 6.90
CA GLU A 248 19.82 3.43 8.24
C GLU A 248 20.59 2.68 9.32
N ARG A 249 20.95 1.43 9.03
CA ARG A 249 21.72 0.62 9.98
C ARG A 249 23.15 1.11 10.11
N LEU A 250 23.61 1.87 9.11
CA LEU A 250 24.98 2.39 9.13
C LEU A 250 24.98 3.84 9.59
N ASP A 251 23.96 4.22 10.34
CA ASP A 251 23.81 5.57 10.88
C ASP A 251 23.86 6.64 9.79
N ALA A 252 23.23 6.34 8.65
CA ALA A 252 23.12 7.28 7.56
C ALA A 252 21.66 7.33 7.11
N SER A 253 21.26 8.45 6.51
CA SER A 253 19.87 8.62 6.10
C SER A 253 19.50 7.66 4.97
N GLY A 254 18.68 6.65 5.31
CA GLY A 254 18.23 5.67 4.34
C GLY A 254 17.36 6.29 3.26
N TYR A 255 16.74 7.42 3.58
CA TYR A 255 15.94 8.15 2.62
C TYR A 255 16.81 8.60 1.45
N LEU A 256 17.98 9.13 1.78
CA LEU A 256 18.92 9.58 0.75
C LEU A 256 19.36 8.41 -0.12
N VAL A 257 19.55 7.24 0.50
CA VAL A 257 19.89 6.03 -0.22
C VAL A 257 18.77 5.69 -1.21
N ALA A 258 17.54 5.75 -0.74
CA ALA A 258 16.37 5.50 -1.59
C ALA A 258 16.33 6.45 -2.79
N THR A 259 16.58 7.73 -2.52
CA THR A 259 16.59 8.74 -3.59
C THR A 259 17.67 8.47 -4.62
N VAL A 260 18.90 8.24 -4.16
CA VAL A 260 20.01 7.92 -5.06
C VAL A 260 19.69 6.70 -5.91
N THR A 261 19.13 5.66 -5.28
CA THR A 261 18.69 4.47 -5.98
C THR A 261 17.70 4.83 -7.09
N GLY A 262 16.74 5.68 -6.75
CA GLY A 262 15.75 6.15 -7.71
C GLY A 262 16.37 6.91 -8.86
N ILE A 263 17.42 7.67 -8.58
CA ILE A 263 18.16 8.39 -9.60
C ILE A 263 18.82 7.40 -10.56
N VAL A 264 19.48 6.40 -10.00
CA VAL A 264 20.13 5.36 -10.78
C VAL A 264 19.14 4.67 -11.70
N LEU A 265 17.99 4.27 -11.14
CA LEU A 265 16.96 3.58 -11.93
C LEU A 265 16.32 4.49 -12.98
N GLY A 266 16.25 5.78 -12.68
CA GLY A 266 15.69 6.74 -13.61
C GLY A 266 16.53 6.89 -14.86
N ASN A 267 17.85 6.88 -14.69
CA ASN A 267 18.77 7.04 -15.80
C ASN A 267 19.32 5.69 -16.29
N TYR A 268 18.42 4.82 -16.73
CA TYR A 268 18.78 3.47 -17.17
C TYR A 268 19.60 3.46 -18.46
N LYS A 269 19.29 4.39 -19.37
CA LYS A 269 19.98 4.49 -20.65
C LYS A 269 21.45 4.86 -20.48
N LEU A 270 21.73 5.68 -19.47
CA LEU A 270 23.08 6.23 -19.27
C LEU A 270 24.09 5.19 -18.78
N LEU A 271 23.60 4.14 -18.15
CA LEU A 271 24.49 3.10 -17.62
C LEU A 271 25.23 2.37 -18.74
N LYS A 272 24.47 1.73 -19.63
CA LYS A 272 25.06 1.07 -20.78
C LYS A 272 24.91 1.92 -22.03
N PRO A 273 26.02 2.45 -22.54
CA PRO A 273 26.01 3.28 -23.75
C PRO A 273 25.49 2.50 -24.96
N ARG A 274 26.10 1.34 -25.21
CA ARG A 274 25.63 0.48 -26.29
C ARG A 274 24.95 -0.76 -25.76
N GLU A 275 23.66 -0.89 -26.08
CA GLU A 275 22.89 -2.09 -25.75
C GLU A 275 21.81 -2.24 -26.81
N ASN A 276 21.69 -3.45 -27.37
CA ASN A 276 20.71 -3.72 -28.42
C ASN A 276 19.31 -3.26 -28.05
N ILE A 277 18.71 -2.48 -28.94
CA ILE A 277 17.49 -1.72 -28.67
C ILE A 277 16.38 -2.49 -27.95
N ARG A 278 16.14 -3.73 -28.35
CA ARG A 278 15.11 -4.58 -27.74
C ARG A 278 15.16 -4.55 -26.21
N ILE A 279 16.36 -4.73 -25.67
CA ILE A 279 16.59 -4.69 -24.24
C ILE A 279 16.17 -3.35 -23.65
N LEU A 280 16.54 -2.26 -24.32
CA LEU A 280 16.18 -0.92 -23.89
C LEU A 280 14.67 -0.69 -23.93
N LYS A 281 14.00 -1.36 -24.87
CA LYS A 281 12.55 -1.26 -25.01
C LYS A 281 11.86 -1.93 -23.83
N ARG A 282 12.18 -3.21 -23.63
CA ARG A 282 11.61 -3.97 -22.51
C ARG A 282 11.91 -3.29 -21.17
N LEU A 283 13.14 -2.83 -21.01
CA LEU A 283 13.55 -2.12 -19.81
C LEU A 283 12.74 -0.85 -19.61
N GLN A 284 12.61 -0.05 -20.66
CA GLN A 284 11.84 1.19 -20.60
C GLN A 284 10.40 0.93 -20.19
N ARG A 285 9.80 -0.11 -20.77
CA ARG A 285 8.40 -0.45 -20.48
C ARG A 285 8.22 -0.91 -19.03
N ALA A 286 9.05 -1.85 -18.61
CA ALA A 286 9.02 -2.35 -17.24
C ALA A 286 9.20 -1.22 -16.23
N ILE A 287 10.24 -0.42 -16.44
CA ILE A 287 10.48 0.78 -15.63
C ILE A 287 9.26 1.68 -15.60
N GLU A 288 8.59 1.84 -16.75
CA GLU A 288 7.39 2.66 -16.84
C GLU A 288 6.27 2.15 -15.93
N LYS A 289 5.99 0.85 -16.01
CA LYS A 289 4.96 0.25 -15.17
C LYS A 289 5.29 0.40 -13.68
N GLU A 290 6.53 0.07 -13.33
CA GLU A 290 7.05 0.24 -11.99
C GLU A 290 6.81 1.68 -11.49
N VAL A 291 7.13 2.63 -12.36
CA VAL A 291 6.94 4.04 -12.08
C VAL A 291 5.47 4.33 -11.81
N HIS A 292 4.58 3.75 -12.61
CA HIS A 292 3.15 3.95 -12.39
C HIS A 292 2.75 3.51 -10.98
N PHE A 293 3.14 2.29 -10.61
CA PHE A 293 2.82 1.78 -9.28
C PHE A 293 3.40 2.64 -8.15
N ASN A 294 4.72 2.75 -8.12
CA ASN A 294 5.41 3.49 -7.07
C ASN A 294 4.99 4.96 -6.96
N ASP A 295 4.62 5.55 -8.09
CA ASP A 295 4.20 6.95 -8.12
C ASP A 295 2.76 7.08 -7.63
N THR A 296 1.93 6.07 -7.91
CA THR A 296 0.58 6.04 -7.35
C THR A 296 0.69 5.99 -5.83
N LEU A 297 1.54 5.09 -5.34
CA LEU A 297 1.83 4.99 -3.91
C LEU A 297 2.33 6.32 -3.35
N ALA A 298 3.21 6.98 -4.11
CA ALA A 298 3.77 8.26 -3.70
C ALA A 298 2.68 9.32 -3.55
N ALA A 299 1.73 9.32 -4.49
CA ALA A 299 0.61 10.25 -4.44
C ALA A 299 -0.26 10.00 -3.22
N LEU A 300 -0.62 8.73 -3.00
CA LEU A 300 -1.39 8.34 -1.83
C LEU A 300 -0.70 8.82 -0.55
N ALA A 301 0.61 8.60 -0.49
CA ALA A 301 1.43 9.04 0.63
C ALA A 301 1.35 10.55 0.83
N THR A 302 1.47 11.30 -0.26
CA THR A 302 1.36 12.76 -0.22
C THR A 302 0.03 13.20 0.39
N ILE A 303 -1.06 12.66 -0.16
CA ILE A 303 -2.40 12.91 0.35
C ILE A 303 -2.48 12.68 1.85
N PHE A 304 -2.13 11.47 2.26
CA PHE A 304 -2.14 11.09 3.67
C PHE A 304 -1.35 12.06 4.54
N ILE A 305 -0.16 12.43 4.08
CA ILE A 305 0.68 13.38 4.80
C ILE A 305 -0.02 14.72 5.04
N PHE A 306 -0.45 15.36 3.96
CA PHE A 306 -1.08 16.67 4.08
C PHE A 306 -2.38 16.65 4.88
N VAL A 307 -3.23 15.66 4.62
CA VAL A 307 -4.49 15.52 5.36
C VAL A 307 -4.25 15.29 6.85
N LEU A 308 -3.37 14.35 7.16
CA LEU A 308 -3.01 14.06 8.55
C LEU A 308 -2.48 15.31 9.26
N LEU A 309 -1.59 16.03 8.58
CA LEU A 309 -1.09 17.30 9.11
C LEU A 309 -2.25 18.24 9.39
N GLY A 310 -3.23 18.24 8.50
CA GLY A 310 -4.41 19.06 8.68
C GLY A 310 -5.25 18.67 9.89
N ALA A 311 -5.26 17.38 10.20
CA ALA A 311 -6.07 16.88 11.31
C ALA A 311 -5.31 16.82 12.63
N GLU A 312 -4.02 17.14 12.58
CA GLU A 312 -3.16 16.95 13.74
C GLU A 312 -2.86 18.26 14.46
N ASN A 314 -3.93 21.90 16.41
CA ASN A 314 -4.95 22.38 17.34
C ASN A 314 -5.12 23.90 17.25
N LEU A 315 -6.34 24.33 16.91
CA LEU A 315 -6.63 25.73 16.63
C LEU A 315 -6.27 26.68 17.78
N GLU A 316 -6.19 26.15 18.98
CA GLU A 316 -5.85 26.94 20.15
C GLU A 316 -4.42 27.45 20.09
N VAL A 317 -3.47 26.53 19.90
CA VAL A 317 -2.06 26.88 19.74
C VAL A 317 -1.83 27.68 18.46
N ILE A 318 -2.48 27.25 17.38
CA ILE A 318 -2.40 27.95 16.09
C ILE A 318 -2.76 29.42 16.22
N TRP A 319 -3.94 29.68 16.78
CA TRP A 319 -4.42 31.04 16.99
C TRP A 319 -3.54 31.80 17.98
N SER A 320 -3.12 31.12 19.05
CA SER A 320 -2.34 31.75 20.12
C SER A 320 -1.10 32.47 19.61
N ASN A 321 -0.36 31.82 18.73
CA ASN A 321 0.84 32.40 18.16
C ASN A 321 0.68 32.71 16.67
N LEU A 322 -0.52 33.12 16.29
CA LEU A 322 -0.86 33.37 14.88
C LEU A 322 0.06 34.41 14.23
N GLY A 323 0.01 35.64 14.74
CA GLY A 323 0.84 36.72 14.23
C GLY A 323 2.31 36.36 14.24
N LYS A 324 2.77 35.76 15.33
CA LYS A 324 4.14 35.28 15.46
C LYS A 324 4.52 34.39 14.29
N GLY A 325 3.76 33.31 14.11
CA GLY A 325 3.99 32.36 13.03
C GLY A 325 4.00 33.01 11.67
N LEU A 326 3.07 33.94 11.45
CA LEU A 326 3.03 34.69 10.20
C LEU A 326 4.33 35.45 9.97
N LEU A 327 4.79 36.14 11.01
CA LEU A 327 6.06 36.87 10.96
C LEU A 327 7.22 35.93 10.64
N VAL A 328 7.18 34.72 11.19
CA VAL A 328 8.19 33.71 10.91
C VAL A 328 8.20 33.35 9.43
N ALA A 329 7.03 32.96 8.92
CA ALA A 329 6.88 32.58 7.53
C ALA A 329 7.35 33.67 6.57
N LEU A 330 6.82 34.88 6.74
CA LEU A 330 7.21 36.03 5.93
C LEU A 330 8.70 36.30 6.02
N GLY A 331 9.25 36.19 7.23
CA GLY A 331 10.68 36.36 7.44
C GLY A 331 11.49 35.36 6.65
N VAL A 332 11.02 34.11 6.60
CA VAL A 332 11.69 33.06 5.86
C VAL A 332 11.65 33.32 4.35
N ILE A 334 10.73 36.20 2.52
CA ILE A 334 11.30 37.48 2.09
C ILE A 334 12.81 37.60 2.35
N LEU A 335 13.26 37.07 3.49
CA LEU A 335 14.65 37.28 3.92
C LEU A 335 15.53 36.03 3.84
N ALA A 336 15.14 34.99 4.59
CA ALA A 336 15.98 33.80 4.74
C ALA A 336 16.39 33.14 3.42
N ARG A 337 15.39 32.69 2.66
CA ARG A 337 15.63 32.00 1.40
C ARG A 337 16.54 32.76 0.41
N PRO A 338 16.22 34.04 0.11
CA PRO A 338 17.11 34.74 -0.82
C PRO A 338 18.51 34.97 -0.26
N LEU A 339 18.59 35.35 1.02
CA LEU A 339 19.87 35.57 1.69
C LEU A 339 20.74 34.32 1.62
N ALA A 340 20.10 33.15 1.65
CA ALA A 340 20.82 31.89 1.54
C ALA A 340 21.04 31.50 0.08
N THR A 341 20.30 32.15 -0.82
CA THR A 341 20.36 31.81 -2.24
C THR A 341 21.41 32.63 -2.98
N LEU A 342 21.84 33.73 -2.37
CA LEU A 342 22.83 34.65 -2.98
C LEU A 342 24.16 34.07 -3.51
N PRO A 343 24.81 33.13 -2.78
CA PRO A 343 26.15 32.65 -3.16
C PRO A 343 26.41 32.48 -4.66
N LEU A 344 25.62 31.67 -5.34
CA LEU A 344 25.84 31.49 -6.78
C LEU A 344 24.83 32.26 -7.63
N LEU A 345 24.50 33.47 -7.20
CA LEU A 345 23.74 34.40 -8.05
C LEU A 345 24.71 34.98 -9.07
N LYS A 346 25.99 34.75 -8.84
CA LYS A 346 27.03 35.21 -9.76
C LYS A 346 26.83 34.62 -11.15
N TRP A 347 26.29 33.41 -11.19
CA TRP A 347 26.06 32.70 -12.45
C TRP A 347 24.76 33.12 -13.12
N TRP A 348 23.92 33.86 -12.40
CA TRP A 348 22.58 34.16 -12.88
C TRP A 348 22.24 35.65 -12.80
N ASN A 349 21.57 36.16 -13.82
CA ASN A 349 21.14 37.55 -13.82
C ASN A 349 20.23 37.86 -12.64
N PHE A 350 20.45 39.02 -12.02
CA PHE A 350 19.82 39.38 -10.75
C PHE A 350 18.31 39.18 -10.68
N ARG A 351 17.62 39.47 -11.77
CA ARG A 351 16.18 39.28 -11.85
C ARG A 351 15.81 37.81 -11.70
N GLU A 352 16.49 36.98 -12.49
CA GLU A 352 16.32 35.53 -12.42
C GLU A 352 16.62 35.01 -11.03
N TYR A 353 17.68 35.53 -10.42
CA TYR A 353 18.04 35.14 -9.07
C TYR A 353 16.93 35.48 -8.08
N LEU A 354 16.41 36.69 -8.17
CA LEU A 354 15.34 37.13 -7.29
C LEU A 354 14.12 36.25 -7.47
N PHE A 355 13.93 35.78 -8.69
CA PHE A 355 12.85 34.84 -8.97
C PHE A 355 13.07 33.51 -8.25
N ILE A 356 14.22 32.89 -8.48
CA ILE A 356 14.58 31.64 -7.84
C ILE A 356 14.45 31.72 -6.32
N ALA A 357 14.94 32.82 -5.78
CA ALA A 357 14.85 33.09 -4.35
C ALA A 357 13.40 33.16 -3.88
N LEU A 358 12.66 34.09 -4.47
CA LEU A 358 11.26 34.28 -4.10
C LEU A 358 10.37 33.07 -4.37
N GLU A 359 10.90 32.09 -5.09
CA GLU A 359 10.17 30.84 -5.31
C GLU A 359 10.81 29.69 -4.55
N GLY A 360 10.09 28.57 -4.47
CA GLY A 360 10.54 27.43 -3.69
C GLY A 360 9.90 27.37 -2.32
N PRO A 361 8.63 26.98 -2.26
CA PRO A 361 7.88 26.94 -1.00
C PRO A 361 8.16 25.67 -0.21
N ARG A 362 7.40 25.46 0.86
CA ARG A 362 7.60 24.30 1.71
C ARG A 362 6.34 23.43 1.67
N GLY A 363 6.53 22.15 1.37
CA GLY A 363 5.40 21.24 1.20
C GLY A 363 5.50 19.91 1.96
N VAL A 364 5.68 18.84 1.21
CA VAL A 364 5.60 17.47 1.72
C VAL A 364 6.49 17.15 2.93
N VAL A 365 7.80 17.16 2.71
CA VAL A 365 8.75 16.81 3.78
C VAL A 365 8.56 17.60 5.07
N PRO A 366 8.45 18.95 4.99
CA PRO A 366 8.18 19.68 6.23
C PRO A 366 6.83 19.33 6.84
N SER A 367 5.85 18.98 5.99
CA SER A 367 4.53 18.59 6.48
C SER A 367 4.60 17.28 7.24
N ALA A 368 5.54 16.41 6.85
CA ALA A 368 5.72 15.13 7.52
C ALA A 368 6.51 15.31 8.81
N LEU A 369 7.52 16.16 8.76
CA LEU A 369 8.41 16.38 9.90
C LEU A 369 7.83 17.36 10.92
N ALA A 370 6.71 17.96 10.59
CA ALA A 370 6.10 19.00 11.42
C ALA A 370 5.75 18.51 12.82
N SER A 371 5.23 17.29 12.90
CA SER A 371 4.75 16.75 14.16
C SER A 371 5.79 15.86 14.83
N LEU A 372 6.95 15.71 14.21
CA LEU A 372 8.02 14.89 14.77
C LEU A 372 8.53 15.34 16.15
N PRO A 373 8.83 16.65 16.32
CA PRO A 373 9.34 17.04 17.64
C PRO A 373 8.29 16.86 18.74
N LEU A 374 7.02 17.07 18.42
CA LEU A 374 5.94 16.86 19.37
C LEU A 374 5.85 15.41 19.82
N SER A 375 5.88 14.50 18.85
CA SER A 375 5.79 13.07 19.14
C SER A 375 6.92 12.62 20.07
N LEU A 376 8.14 13.04 19.74
CA LEU A 376 9.30 12.73 20.56
C LEU A 376 9.15 13.30 21.97
N ALA A 377 8.59 14.51 22.06
CA ALA A 377 8.34 15.15 23.35
C ALA A 377 7.37 14.34 24.18
N LEU A 378 6.34 13.82 23.53
CA LEU A 378 5.31 13.03 24.20
C LEU A 378 5.83 11.66 24.60
N LYS A 379 6.97 11.27 24.05
CA LYS A 379 7.49 9.92 24.26
C LYS A 379 8.80 9.85 25.04
N TYR A 380 9.60 10.91 25.00
CA TYR A 380 10.95 10.85 25.55
C TYR A 380 11.30 11.88 26.64
N LYS A 381 10.40 12.82 26.91
CA LYS A 381 10.57 13.81 27.98
C LYS A 381 11.97 14.43 28.00
N SER A 382 12.22 15.37 27.09
CA SER A 382 13.52 16.02 27.01
C SER A 382 13.59 17.22 27.95
N PRO A 383 14.76 17.44 28.56
CA PRO A 383 14.98 18.62 29.40
C PRO A 383 15.22 19.85 28.54
N LEU A 384 15.35 19.62 27.23
CA LEU A 384 15.60 20.68 26.27
C LEU A 384 14.32 21.08 25.55
N LEU A 385 13.64 20.10 24.96
CA LEU A 385 12.38 20.36 24.28
C LEU A 385 11.18 19.92 25.13
N THR A 386 10.12 20.70 25.09
CA THR A 386 8.90 20.39 25.84
C THR A 386 7.78 20.03 24.87
N VAL A 387 6.68 19.51 25.38
CA VAL A 387 5.50 19.19 24.57
C VAL A 387 4.95 20.45 23.91
N HIS A 388 4.76 21.49 24.71
CA HIS A 388 4.20 22.75 24.24
C HIS A 388 5.07 23.38 23.16
N TRP A 389 6.39 23.27 23.31
CA TRP A 389 7.31 23.78 22.31
C TRP A 389 7.25 22.96 21.02
N GLY A 390 6.97 21.67 21.16
CA GLY A 390 6.72 20.82 20.01
C GLY A 390 5.50 21.33 19.27
N GLU A 391 4.46 21.69 20.03
CA GLU A 391 3.26 22.27 19.47
C GLU A 391 3.56 23.58 18.74
N ILE A 392 4.43 24.40 19.33
CA ILE A 392 4.85 25.66 18.73
C ILE A 392 5.54 25.42 17.39
N ILE A 393 6.45 24.45 17.37
CA ILE A 393 7.18 24.12 16.14
C ILE A 393 6.25 23.60 15.05
N ALA A 395 2.98 24.00 14.76
CA ALA A 395 2.11 25.10 14.36
C ALA A 395 2.81 26.06 13.40
N THR A 396 4.00 26.51 13.80
CA THR A 396 4.79 27.43 13.00
C THR A 396 5.09 26.83 11.62
N VAL A 397 5.37 25.53 11.58
CA VAL A 397 5.61 24.84 10.32
C VAL A 397 4.36 24.81 9.44
N VAL A 398 3.21 24.51 10.04
CA VAL A 398 1.93 24.52 9.33
C VAL A 398 1.67 25.87 8.67
N ILE A 399 1.73 26.93 9.49
CA ILE A 399 1.55 28.29 9.00
C ILE A 399 2.54 28.61 7.88
N THR A 400 3.80 28.22 8.08
CA THR A 400 4.85 28.40 7.10
C THR A 400 4.47 27.77 5.75
N VAL A 401 4.04 26.52 5.80
CA VAL A 401 3.64 25.78 4.62
C VAL A 401 2.49 26.48 3.89
N LEU A 402 1.41 26.76 4.62
CA LEU A 402 0.26 27.43 4.04
C LEU A 402 0.63 28.75 3.36
N THR A 403 1.23 29.65 4.12
CA THR A 403 1.66 30.96 3.62
C THR A 403 2.56 30.84 2.38
N SER A 404 3.67 30.12 2.54
CA SER A 404 4.66 29.97 1.48
C SER A 404 4.06 29.38 0.20
N VAL A 405 3.38 28.25 0.32
CA VAL A 405 2.74 27.61 -0.83
C VAL A 405 1.74 28.55 -1.50
N ILE A 406 0.75 29.02 -0.75
CA ILE A 406 -0.29 29.90 -1.29
C ILE A 406 0.30 31.11 -2.01
N VAL A 407 1.14 31.88 -1.32
CA VAL A 407 1.73 33.08 -1.90
C VAL A 407 2.61 32.79 -3.12
N GLU A 408 3.61 31.92 -2.94
CA GLU A 408 4.56 31.64 -4.01
C GLU A 408 3.94 30.91 -5.21
N THR A 409 2.74 30.39 -5.03
CA THR A 409 2.01 29.79 -6.15
C THR A 409 1.06 30.82 -6.77
N LEU A 410 0.67 31.81 -5.99
CA LEU A 410 -0.29 32.82 -6.45
C LEU A 410 0.39 34.04 -7.05
N TRP A 411 1.54 34.42 -6.52
CA TRP A 411 2.20 35.66 -6.93
C TRP A 411 3.11 35.50 -8.15
N ILE A 412 3.31 34.26 -8.59
CA ILE A 412 4.24 33.96 -9.69
C ILE A 412 4.02 34.74 -11.01
N PRO A 413 2.75 34.91 -11.46
CA PRO A 413 2.61 35.70 -12.69
C PRO A 413 3.03 37.14 -12.50
N ILE A 414 2.61 37.75 -11.39
CA ILE A 414 2.94 39.12 -11.07
C ILE A 414 4.45 39.31 -10.94
N LEU A 415 5.09 38.38 -10.25
CA LEU A 415 6.54 38.42 -10.07
C LEU A 415 7.26 38.33 -11.42
N LYS A 416 6.83 37.38 -12.23
CA LYS A 416 7.38 37.23 -13.58
C LYS A 416 7.21 38.53 -14.36
N ASP A 417 6.07 39.19 -14.17
CA ASP A 417 5.82 40.48 -14.81
C ASP A 417 6.77 41.56 -14.28
N LYS A 418 7.17 41.44 -13.01
CA LYS A 418 8.07 42.43 -12.42
C LYS A 418 9.50 42.28 -12.93
N LEU A 419 9.99 41.04 -12.97
CA LEU A 419 11.35 40.80 -13.46
C LEU A 419 11.42 40.71 -14.98
N ASP A 420 10.33 40.23 -15.59
CA ASP A 420 10.19 40.27 -17.04
C ASP A 420 8.98 41.14 -17.37
N VAL A 421 9.24 42.39 -17.75
CA VAL A 421 8.21 43.42 -17.91
C VAL A 421 6.92 42.97 -18.58
N GLY A 422 5.80 43.16 -17.88
CA GLY A 422 4.50 42.80 -18.39
C GLY A 422 3.37 43.42 -17.58
N ILE B 2 21.16 -7.95 17.28
CA ILE B 2 20.75 -7.21 16.09
C ILE B 2 19.52 -7.86 15.44
N GLU B 3 18.53 -8.19 16.26
CA GLU B 3 17.30 -8.80 15.78
C GLU B 3 16.51 -7.79 14.95
N LEU B 4 15.64 -8.29 14.08
CA LEU B 4 14.87 -7.45 13.18
C LEU B 4 13.78 -6.67 13.91
N SER B 5 13.66 -5.38 13.60
CA SER B 5 12.53 -4.59 14.05
C SER B 5 11.32 -4.96 13.21
N LEU B 6 10.16 -4.41 13.54
CA LEU B 6 8.93 -4.71 12.81
C LEU B 6 9.01 -4.31 11.34
N ALA B 7 9.60 -3.15 11.09
CA ALA B 7 9.77 -2.66 9.72
C ALA B 7 10.63 -3.61 8.90
N GLU B 8 11.80 -3.96 9.44
CA GLU B 8 12.70 -4.90 8.80
C GLU B 8 12.06 -6.29 8.66
N ALA B 9 11.10 -6.59 9.54
CA ALA B 9 10.39 -7.85 9.48
C ALA B 9 9.44 -7.87 8.28
N LEU B 10 8.56 -6.88 8.20
CA LEU B 10 7.65 -6.71 7.08
C LEU B 10 8.41 -6.70 5.77
N PHE B 11 9.48 -5.91 5.73
CA PHE B 11 10.32 -5.86 4.54
C PHE B 11 10.95 -7.20 4.23
N LEU B 12 11.31 -7.95 5.27
CA LEU B 12 11.89 -9.27 5.07
C LEU B 12 10.89 -10.15 4.36
N ILE B 13 9.65 -10.12 4.84
CA ILE B 13 8.55 -10.83 4.21
C ILE B 13 8.42 -10.44 2.73
N LEU B 14 8.43 -9.13 2.46
CA LEU B 14 8.30 -8.64 1.10
C LEU B 14 9.43 -9.13 0.18
N PHE B 15 10.67 -8.89 0.59
CA PHE B 15 11.84 -9.25 -0.20
C PHE B 15 11.92 -10.76 -0.44
N THR B 16 11.86 -11.53 0.64
CA THR B 16 11.88 -12.98 0.55
C THR B 16 10.77 -13.48 -0.36
N GLY B 17 9.60 -12.86 -0.25
CA GLY B 17 8.47 -13.20 -1.10
C GLY B 17 8.74 -12.90 -2.57
N VAL B 18 9.45 -11.81 -2.82
CA VAL B 18 9.85 -11.43 -4.17
C VAL B 18 10.79 -12.46 -4.78
N ILE B 19 11.86 -12.78 -4.04
CA ILE B 19 12.84 -13.76 -4.49
C ILE B 19 12.16 -15.11 -4.75
N SER B 20 11.31 -15.52 -3.81
CA SER B 20 10.55 -16.75 -3.93
C SER B 20 9.68 -16.75 -5.19
N LEU B 22 10.29 -14.95 -7.96
CA LEU B 22 11.22 -15.04 -9.06
C LEU B 22 11.61 -16.49 -9.34
N ILE B 23 12.16 -17.15 -8.33
CA ILE B 23 12.59 -18.54 -8.49
C ILE B 23 11.41 -19.47 -8.83
N SER B 24 10.22 -19.11 -8.34
CA SER B 24 9.02 -19.86 -8.68
C SER B 24 8.73 -19.81 -10.18
N ARG B 25 8.74 -18.60 -10.73
CA ARG B 25 8.51 -18.42 -12.15
C ARG B 25 9.59 -19.06 -13.00
N ARG B 26 10.85 -18.81 -12.64
CA ARG B 26 11.99 -19.35 -13.38
C ARG B 26 11.98 -20.88 -13.41
N THR B 27 11.72 -21.49 -12.25
CA THR B 27 11.72 -22.95 -12.15
C THR B 27 10.47 -23.56 -12.79
N GLY B 28 9.33 -22.92 -12.58
CA GLY B 28 8.07 -23.43 -13.09
C GLY B 28 7.24 -24.10 -12.01
N ILE B 29 7.69 -23.99 -10.77
CA ILE B 29 6.98 -24.54 -9.63
C ILE B 29 5.90 -23.57 -9.18
N SER B 30 4.74 -24.09 -8.80
CA SER B 30 3.64 -23.29 -8.29
C SER B 30 4.10 -22.39 -7.14
N TYR B 31 3.56 -21.17 -7.09
CA TYR B 31 4.00 -20.20 -6.09
C TYR B 31 3.53 -20.50 -4.67
N VAL B 32 2.46 -21.28 -4.54
CA VAL B 32 1.91 -21.61 -3.23
C VAL B 32 2.89 -22.35 -2.31
N PRO B 33 3.37 -23.54 -2.71
CA PRO B 33 4.22 -24.26 -1.76
C PRO B 33 5.59 -23.60 -1.60
N ILE B 34 5.99 -22.81 -2.59
CA ILE B 34 7.23 -22.05 -2.51
C ILE B 34 7.12 -20.95 -1.46
N PHE B 35 6.01 -20.21 -1.51
CA PHE B 35 5.76 -19.15 -0.54
C PHE B 35 5.59 -19.70 0.87
N ILE B 36 4.83 -20.80 0.98
CA ILE B 36 4.69 -21.49 2.26
C ILE B 36 6.07 -21.90 2.80
N LEU B 37 6.84 -22.56 1.94
CA LEU B 37 8.20 -22.97 2.27
C LEU B 37 9.04 -21.81 2.81
N THR B 38 9.01 -20.70 2.09
CA THR B 38 9.74 -19.49 2.49
C THR B 38 9.28 -19.07 3.89
N GLY B 39 7.97 -19.15 4.11
CA GLY B 39 7.39 -18.86 5.40
C GLY B 39 8.03 -19.70 6.50
N LEU B 40 8.05 -21.02 6.31
CA LEU B 40 8.66 -21.91 7.29
C LEU B 40 10.16 -21.63 7.48
N VAL B 41 10.84 -21.26 6.39
CA VAL B 41 12.26 -20.95 6.45
C VAL B 41 12.54 -19.75 7.34
N ILE B 42 11.90 -18.62 7.04
CA ILE B 42 12.10 -17.41 7.84
C ILE B 42 11.34 -17.47 9.16
N GLY B 43 10.42 -18.43 9.27
CA GLY B 43 9.62 -18.60 10.46
C GLY B 43 10.26 -19.48 11.51
N PRO B 44 9.59 -20.58 11.87
CA PRO B 44 9.99 -21.51 12.94
C PRO B 44 11.44 -21.99 12.82
N LEU B 45 11.96 -22.09 11.61
CA LEU B 45 13.32 -22.56 11.38
C LEU B 45 14.37 -21.53 11.83
N LEU B 46 14.48 -20.44 11.09
CA LEU B 46 15.49 -19.43 11.37
C LEU B 46 15.08 -18.50 12.51
N LYS B 47 13.81 -18.54 12.89
CA LYS B 47 13.26 -17.73 13.98
C LYS B 47 13.49 -16.23 13.77
N LEU B 48 13.64 -15.84 12.51
CA LEU B 48 13.80 -14.43 12.15
C LEU B 48 12.49 -13.68 12.37
N ILE B 49 11.38 -14.39 12.18
CA ILE B 49 10.06 -13.80 12.37
C ILE B 49 9.21 -14.65 13.32
N PRO B 50 8.84 -14.07 14.46
CA PRO B 50 8.03 -14.75 15.48
C PRO B 50 6.59 -14.97 15.03
N ARG B 51 6.08 -16.18 15.30
CA ARG B 51 4.71 -16.57 14.95
C ARG B 51 3.68 -15.65 15.59
N ASP B 52 3.92 -15.29 16.84
CA ASP B 52 3.01 -14.43 17.60
C ASP B 52 2.95 -13.00 17.06
N LEU B 53 3.85 -12.67 16.14
CA LEU B 53 3.81 -11.39 15.42
C LEU B 53 3.09 -11.60 14.09
N ALA B 54 3.38 -12.74 13.47
CA ALA B 54 2.73 -13.15 12.24
C ALA B 54 1.21 -13.13 12.44
N HIS B 55 0.78 -13.41 13.67
CA HIS B 55 -0.63 -13.30 14.03
C HIS B 55 -1.20 -11.91 13.72
N GLU B 56 -0.54 -10.86 14.22
CA GLU B 56 -1.03 -9.48 14.05
C GLU B 56 -0.86 -8.96 12.63
N ILE B 57 0.31 -9.23 12.04
CA ILE B 57 0.54 -8.85 10.65
C ILE B 57 -0.58 -9.47 9.81
N PHE B 58 -0.92 -10.72 10.12
CA PHE B 58 -2.04 -11.39 9.49
C PHE B 58 -3.36 -10.69 9.84
N ASP B 59 -3.43 -10.10 11.03
CA ASP B 59 -4.65 -9.42 11.45
C ASP B 59 -4.91 -8.16 10.63
N PHE B 60 -3.87 -7.62 10.01
CA PHE B 60 -4.08 -6.52 9.05
C PHE B 60 -4.23 -7.01 7.60
N VAL B 61 -3.26 -7.81 7.17
CA VAL B 61 -3.20 -8.34 5.82
C VAL B 61 -4.45 -9.15 5.46
N ARG B 62 -5.10 -9.72 6.46
CA ARG B 62 -6.35 -10.45 6.25
C ARG B 62 -7.38 -9.54 5.59
N VAL B 63 -7.92 -8.59 6.36
CA VAL B 63 -8.91 -7.67 5.82
C VAL B 63 -8.41 -6.93 4.56
N PHE B 64 -7.25 -6.28 4.66
CA PHE B 64 -6.78 -5.47 3.53
C PHE B 64 -6.58 -6.31 2.27
N GLY B 65 -5.68 -7.28 2.37
CA GLY B 65 -5.37 -8.17 1.27
C GLY B 65 -6.58 -8.87 0.68
N LEU B 66 -7.47 -9.37 1.52
CA LEU B 66 -8.67 -10.04 1.04
C LEU B 66 -9.54 -9.08 0.21
N VAL B 67 -9.87 -7.93 0.79
CA VAL B 67 -10.67 -6.94 0.06
C VAL B 67 -10.06 -6.59 -1.30
N ILE B 68 -8.80 -6.17 -1.30
CA ILE B 68 -8.14 -5.77 -2.54
C ILE B 68 -8.06 -6.92 -3.58
N ILE B 69 -7.72 -8.12 -3.12
CA ILE B 69 -7.60 -9.28 -4.00
C ILE B 69 -8.93 -9.64 -4.66
N LEU B 70 -9.98 -9.75 -3.85
CA LEU B 70 -11.30 -10.08 -4.37
C LEU B 70 -11.79 -9.00 -5.33
N PHE B 71 -11.49 -7.74 -5.00
CA PHE B 71 -11.83 -6.64 -5.88
C PHE B 71 -11.15 -6.80 -7.24
N THR B 72 -9.86 -7.12 -7.22
CA THR B 72 -9.11 -7.35 -8.45
C THR B 72 -9.67 -8.54 -9.23
N GLU B 73 -10.19 -9.52 -8.50
CA GLU B 73 -10.80 -10.70 -9.11
C GLU B 73 -12.09 -10.34 -9.83
N GLY B 74 -12.82 -9.37 -9.28
CA GLY B 74 -14.05 -8.91 -9.90
C GLY B 74 -13.87 -8.48 -11.35
N HIS B 75 -12.78 -7.77 -11.62
CA HIS B 75 -12.50 -7.26 -12.97
C HIS B 75 -12.37 -8.37 -14.02
N ASN B 76 -11.71 -9.46 -13.64
CA ASN B 76 -11.47 -10.57 -14.57
C ASN B 76 -12.70 -11.43 -14.85
N LEU B 77 -13.87 -10.93 -14.48
CA LEU B 77 -15.12 -11.64 -14.77
C LEU B 77 -15.91 -10.96 -15.89
N SER B 78 -16.35 -11.76 -16.85
CA SER B 78 -17.20 -11.26 -17.93
C SER B 78 -18.65 -11.63 -17.67
N TRP B 79 -19.50 -10.63 -17.56
CA TRP B 79 -20.92 -10.85 -17.27
C TRP B 79 -21.59 -11.72 -18.32
N ARG B 80 -21.17 -11.54 -19.58
CA ARG B 80 -21.73 -12.30 -20.69
C ARG B 80 -21.61 -13.80 -20.44
N LEU B 81 -20.38 -14.26 -20.26
CA LEU B 81 -20.12 -15.68 -20.01
C LEU B 81 -20.83 -16.19 -18.76
N LEU B 82 -21.08 -15.28 -17.81
CA LEU B 82 -21.85 -15.62 -16.62
C LEU B 82 -23.28 -15.97 -17.00
N LYS B 83 -23.98 -15.00 -17.60
CA LYS B 83 -25.39 -15.17 -17.95
C LYS B 83 -25.60 -16.32 -18.94
N LYS B 84 -24.60 -16.55 -19.80
CA LYS B 84 -24.66 -17.65 -20.76
C LYS B 84 -24.63 -19.00 -20.05
N ASN B 85 -23.79 -19.10 -19.03
CA ASN B 85 -23.68 -20.33 -18.24
C ASN B 85 -24.22 -20.15 -16.82
N PRO B 87 -26.99 -21.11 -14.91
CA PRO B 87 -27.44 -22.15 -13.95
C PRO B 87 -26.29 -22.93 -13.33
N THR B 88 -25.34 -23.40 -14.15
CA THR B 88 -24.18 -24.13 -13.68
C THR B 88 -23.46 -23.38 -12.55
N ILE B 89 -23.10 -22.14 -12.83
CA ILE B 89 -22.41 -21.30 -11.85
C ILE B 89 -23.22 -21.10 -10.58
N VAL B 90 -24.48 -20.74 -10.74
CA VAL B 90 -25.37 -20.53 -9.60
C VAL B 90 -25.42 -21.77 -8.69
N THR B 91 -25.57 -22.95 -9.30
CA THR B 91 -25.52 -24.19 -8.55
C THR B 91 -24.19 -24.34 -7.83
N LEU B 92 -23.11 -24.03 -8.55
CA LEU B 92 -21.76 -24.14 -7.99
C LEU B 92 -21.53 -23.19 -6.81
N ASP B 93 -22.32 -22.14 -6.72
CA ASP B 93 -22.13 -21.11 -5.69
C ASP B 93 -23.33 -20.98 -4.75
N THR B 94 -24.24 -21.95 -4.79
CA THR B 94 -25.41 -21.94 -3.92
C THR B 94 -25.61 -23.32 -3.28
N ILE B 95 -25.14 -24.35 -3.97
CA ILE B 95 -25.28 -25.72 -3.48
C ILE B 95 -23.94 -26.42 -3.33
N GLY B 96 -23.18 -26.48 -4.41
CA GLY B 96 -21.88 -27.15 -4.43
C GLY B 96 -20.95 -26.69 -3.32
N LEU B 97 -20.92 -25.39 -3.08
CA LEU B 97 -20.11 -24.82 -2.00
C LEU B 97 -20.59 -25.36 -0.65
N ILE B 98 -21.88 -25.20 -0.39
CA ILE B 98 -22.50 -25.63 0.86
C ILE B 98 -22.25 -27.11 1.13
N LEU B 99 -22.51 -27.95 0.13
CA LEU B 99 -22.31 -29.38 0.27
C LEU B 99 -20.83 -29.74 0.48
N THR B 100 -19.94 -29.06 -0.24
CA THR B 100 -18.51 -29.26 -0.07
C THR B 100 -18.14 -29.03 1.39
N ALA B 101 -18.54 -27.86 1.90
CA ALA B 101 -18.27 -27.46 3.28
C ALA B 101 -18.85 -28.45 4.29
N LEU B 102 -20.07 -28.93 4.02
CA LEU B 102 -20.76 -29.82 4.94
C LEU B 102 -20.13 -31.21 5.02
N ILE B 103 -19.90 -31.84 3.86
CA ILE B 103 -19.24 -33.14 3.83
C ILE B 103 -17.86 -33.03 4.45
N ALA B 104 -17.12 -31.99 4.07
CA ALA B 104 -15.81 -31.72 4.67
C ALA B 104 -15.92 -31.62 6.18
N GLY B 105 -17.01 -31.02 6.65
CA GLY B 105 -17.26 -30.87 8.07
C GLY B 105 -17.50 -32.19 8.77
N PHE B 106 -18.25 -33.07 8.13
CA PHE B 106 -18.51 -34.39 8.67
C PHE B 106 -17.19 -35.18 8.76
N ILE B 107 -16.39 -35.06 7.70
CA ILE B 107 -15.06 -35.67 7.67
C ILE B 107 -14.22 -35.20 8.84
N PHE B 108 -14.13 -33.89 9.02
CA PHE B 108 -13.37 -33.29 10.10
C PHE B 108 -13.85 -33.79 11.46
N LYS B 109 -15.17 -33.73 11.67
CA LYS B 109 -15.80 -34.23 12.88
C LYS B 109 -15.42 -35.67 13.19
N VAL B 110 -15.43 -36.51 12.16
CA VAL B 110 -15.06 -37.91 12.33
C VAL B 110 -13.59 -38.08 12.70
N VAL B 111 -12.72 -37.46 11.93
CA VAL B 111 -11.27 -37.61 12.10
C VAL B 111 -10.75 -37.06 13.43
N PHE B 112 -11.33 -35.97 13.91
CA PHE B 112 -10.84 -35.33 15.14
C PHE B 112 -11.81 -35.36 16.31
N ASN B 113 -12.91 -36.09 16.17
CA ASN B 113 -13.94 -36.18 17.20
C ASN B 113 -14.52 -34.82 17.61
N SER B 114 -14.32 -33.83 16.74
CA SER B 114 -14.81 -32.49 16.98
C SER B 114 -16.32 -32.41 16.74
N SER B 115 -16.92 -31.27 17.05
CA SER B 115 -18.33 -31.05 16.77
C SER B 115 -18.53 -30.92 15.26
N PHE B 116 -19.76 -31.12 14.81
CA PHE B 116 -20.06 -30.97 13.39
C PHE B 116 -20.11 -29.49 13.02
N LEU B 117 -20.26 -28.64 14.03
CA LEU B 117 -20.27 -27.20 13.84
C LEU B 117 -18.84 -26.71 13.62
N LEU B 118 -17.91 -27.29 14.38
CA LEU B 118 -16.49 -26.99 14.25
C LEU B 118 -16.02 -27.46 12.87
N GLY B 119 -16.42 -28.67 12.51
CA GLY B 119 -16.15 -29.21 11.20
C GLY B 119 -16.75 -28.32 10.13
N PHE B 120 -17.92 -27.76 10.41
CA PHE B 120 -18.58 -26.86 9.48
C PHE B 120 -17.79 -25.57 9.32
N LEU B 121 -17.12 -25.16 10.39
CA LEU B 121 -16.23 -24.01 10.31
C LEU B 121 -15.07 -24.32 9.38
N PHE B 122 -14.46 -25.49 9.59
CA PHE B 122 -13.37 -25.93 8.72
C PHE B 122 -13.81 -25.98 7.25
N GLY B 123 -15.03 -26.46 7.03
CA GLY B 123 -15.55 -26.59 5.67
C GLY B 123 -15.83 -25.25 5.03
N ALA B 124 -16.37 -24.33 5.83
CA ALA B 124 -16.64 -22.99 5.36
C ALA B 124 -15.35 -22.28 4.99
N ILE B 125 -14.31 -22.53 5.77
CA ILE B 125 -12.97 -22.04 5.44
C ILE B 125 -12.48 -22.65 4.13
N ILE B 126 -12.61 -23.96 4.03
CA ILE B 126 -12.05 -24.71 2.90
C ILE B 126 -12.97 -24.70 1.68
N GLY B 127 -14.01 -23.89 1.73
CA GLY B 127 -15.01 -23.86 0.67
C GLY B 127 -14.53 -23.25 -0.63
N ALA B 128 -14.09 -22.00 -0.57
CA ALA B 128 -13.67 -21.26 -1.76
C ALA B 128 -12.53 -21.94 -2.51
N THR B 129 -12.39 -21.61 -3.79
CA THR B 129 -11.36 -22.21 -4.64
C THR B 129 -10.48 -21.16 -5.30
N ASP B 130 -9.19 -21.46 -5.44
CA ASP B 130 -8.25 -20.56 -6.10
C ASP B 130 -7.50 -21.28 -7.22
N PRO B 131 -8.04 -21.19 -8.45
CA PRO B 131 -7.55 -21.88 -9.63
C PRO B 131 -6.48 -21.07 -10.36
N ALA B 132 -6.10 -19.94 -9.77
CA ALA B 132 -5.05 -19.10 -10.33
C ALA B 132 -3.75 -19.88 -10.44
N THR B 133 -3.66 -20.96 -9.67
CA THR B 133 -2.53 -21.87 -9.73
C THR B 133 -2.65 -22.82 -10.92
N LEU B 134 -3.86 -22.95 -11.46
CA LEU B 134 -4.13 -23.92 -12.52
C LEU B 134 -4.04 -23.32 -13.92
N ILE B 135 -4.46 -22.07 -14.06
CA ILE B 135 -4.58 -21.38 -15.35
C ILE B 135 -3.44 -21.58 -16.37
N PRO B 136 -2.17 -21.40 -15.96
CA PRO B 136 -1.07 -21.56 -16.92
C PRO B 136 -1.06 -22.92 -17.60
N LEU B 137 -1.43 -23.97 -16.86
CA LEU B 137 -1.52 -25.30 -17.43
C LEU B 137 -2.74 -25.46 -18.32
N PHE B 138 -3.83 -24.78 -17.97
CA PHE B 138 -5.02 -24.76 -18.81
C PHE B 138 -4.68 -24.17 -20.18
N ARG B 139 -3.87 -23.11 -20.16
CA ARG B 139 -3.44 -22.45 -21.39
C ARG B 139 -2.48 -23.32 -22.18
N GLN B 140 -1.37 -23.70 -21.56
CA GLN B 140 -0.32 -24.45 -22.24
C GLN B 140 -0.73 -25.86 -22.67
N TYR B 141 -1.85 -26.35 -22.14
CA TYR B 141 -2.37 -27.64 -22.58
C TYR B 141 -3.65 -27.48 -23.39
N ARG B 142 -4.08 -26.23 -23.54
CA ARG B 142 -5.22 -25.88 -24.39
C ARG B 142 -6.50 -26.63 -24.05
N VAL B 143 -6.89 -26.59 -22.78
CA VAL B 143 -8.11 -27.25 -22.33
C VAL B 143 -9.32 -26.46 -22.84
N LYS B 144 -10.52 -27.04 -22.70
CA LYS B 144 -11.75 -26.40 -23.16
C LYS B 144 -11.94 -25.02 -22.53
N GLN B 145 -12.20 -24.03 -23.38
CA GLN B 145 -12.33 -22.64 -22.95
C GLN B 145 -13.53 -22.44 -22.03
N ASP B 146 -14.63 -23.14 -22.34
CA ASP B 146 -15.85 -23.04 -21.55
C ASP B 146 -15.64 -23.63 -20.16
N ILE B 147 -14.84 -24.68 -20.07
CA ILE B 147 -14.51 -25.29 -18.78
C ILE B 147 -13.76 -24.30 -17.89
N GLU B 148 -12.68 -23.74 -18.43
CA GLU B 148 -11.92 -22.71 -17.76
C GLU B 148 -12.83 -21.58 -17.31
N THR B 149 -13.73 -21.17 -18.21
CA THR B 149 -14.72 -20.15 -17.91
C THR B 149 -15.51 -20.48 -16.65
N VAL B 150 -16.17 -21.64 -16.67
CA VAL B 150 -16.99 -22.09 -15.55
C VAL B 150 -16.21 -22.17 -14.24
N ILE B 151 -15.06 -22.83 -14.28
CA ILE B 151 -14.20 -22.96 -13.09
C ILE B 151 -13.81 -21.60 -12.51
N VAL B 152 -13.15 -20.79 -13.32
CA VAL B 152 -12.69 -19.47 -12.91
C VAL B 152 -13.82 -18.61 -12.35
N THR B 153 -14.94 -18.56 -13.07
CA THR B 153 -16.13 -17.82 -12.62
C THR B 153 -16.57 -18.31 -11.24
N GLU B 154 -16.71 -19.63 -11.11
CA GLU B 154 -17.10 -20.26 -9.85
C GLU B 154 -16.18 -19.83 -8.71
N SER B 155 -14.89 -19.75 -8.99
CA SER B 155 -13.92 -19.31 -7.99
C SER B 155 -14.13 -17.85 -7.60
N ILE B 156 -14.15 -16.98 -8.60
CA ILE B 156 -14.38 -15.55 -8.40
C ILE B 156 -15.59 -15.32 -7.51
N PHE B 157 -16.62 -16.14 -7.70
CA PHE B 157 -17.82 -16.03 -6.87
C PHE B 157 -17.70 -16.69 -5.49
N ASN B 158 -16.94 -17.77 -5.38
CA ASN B 158 -16.87 -18.51 -4.12
C ASN B 158 -15.89 -17.93 -3.11
N ASP B 159 -14.86 -17.23 -3.59
CA ASP B 159 -13.91 -16.57 -2.72
C ASP B 159 -14.56 -15.67 -1.64
N PRO B 160 -15.49 -14.78 -2.04
CA PRO B 160 -16.14 -14.00 -0.98
C PRO B 160 -17.19 -14.81 -0.24
N LEU B 161 -17.80 -15.77 -0.94
CA LEU B 161 -18.82 -16.62 -0.32
C LEU B 161 -18.22 -17.57 0.70
N GLY B 162 -17.00 -18.05 0.43
CA GLY B 162 -16.28 -18.87 1.39
C GLY B 162 -16.02 -18.12 2.68
N ILE B 163 -15.82 -16.82 2.56
CA ILE B 163 -15.59 -15.94 3.71
C ILE B 163 -16.85 -15.80 4.56
N VAL B 164 -17.94 -15.35 3.94
CA VAL B 164 -19.20 -15.13 4.66
C VAL B 164 -19.69 -16.44 5.28
N LEU B 165 -19.37 -17.57 4.63
CA LEU B 165 -19.64 -18.88 5.20
C LEU B 165 -18.84 -19.08 6.49
N THR B 166 -17.56 -18.75 6.44
CA THR B 166 -16.68 -18.86 7.59
C THR B 166 -17.12 -17.91 8.70
N LEU B 167 -17.64 -16.75 8.31
CA LEU B 167 -18.15 -15.77 9.26
C LEU B 167 -19.42 -16.28 9.94
N ILE B 168 -20.21 -17.09 9.22
CA ILE B 168 -21.42 -17.68 9.77
C ILE B 168 -21.10 -18.64 10.91
N ALA B 169 -20.24 -19.62 10.64
CA ALA B 169 -19.88 -20.64 11.60
C ALA B 169 -19.35 -20.04 12.90
N ILE B 170 -18.45 -19.07 12.77
CA ILE B 170 -17.91 -18.36 13.92
C ILE B 170 -19.01 -17.60 14.65
N SER B 171 -19.91 -16.98 13.89
CA SER B 171 -21.03 -16.25 14.47
C SER B 171 -21.95 -17.17 15.25
N LEU B 173 -20.81 -20.17 16.63
CA LEU B 173 -19.98 -20.58 17.76
C LEU B 173 -19.91 -19.47 18.82
N VAL B 174 -19.64 -18.25 18.37
CA VAL B 174 -19.54 -17.10 19.26
C VAL B 174 -20.51 -15.99 18.83
N PRO B 175 -21.40 -15.57 19.74
CA PRO B 175 -22.36 -14.50 19.46
C PRO B 175 -21.71 -13.13 19.45
N GLY B 176 -20.39 -13.10 19.60
CA GLY B 176 -19.63 -11.85 19.61
C GLY B 176 -19.72 -11.10 18.30
N TYR B 177 -20.15 -9.85 18.39
CA TYR B 177 -20.31 -8.98 17.22
C TYR B 177 -21.11 -9.60 16.09
N GLY B 178 -22.32 -10.05 16.43
CA GLY B 178 -23.23 -10.57 15.42
C GLY B 178 -23.72 -9.44 14.53
N GLY B 179 -23.59 -8.21 15.03
CA GLY B 179 -23.97 -7.03 14.28
C GLY B 179 -25.35 -6.53 14.65
N GLY B 180 -26.32 -7.45 14.65
CA GLY B 180 -27.70 -7.10 14.92
C GLY B 180 -28.65 -7.92 14.07
N ILE B 181 -28.35 -8.01 12.78
CA ILE B 181 -29.15 -8.80 11.85
C ILE B 181 -29.05 -10.28 12.18
N PHE B 182 -27.82 -10.76 12.36
CA PHE B 182 -27.58 -12.15 12.73
C PHE B 182 -28.24 -12.44 14.08
N SER B 183 -28.05 -11.53 15.03
CA SER B 183 -28.61 -11.68 16.36
C SER B 183 -30.14 -11.77 16.32
N THR B 184 -30.77 -10.80 15.65
CA THR B 184 -32.22 -10.75 15.55
C THR B 184 -32.78 -11.98 14.85
N LEU B 185 -32.28 -12.25 13.65
CA LEU B 185 -32.77 -13.36 12.84
C LEU B 185 -32.55 -14.72 13.52
N SER B 186 -31.47 -14.83 14.30
CA SER B 186 -31.22 -16.07 15.03
C SER B 186 -32.13 -16.20 16.24
N GLU B 187 -32.35 -15.10 16.95
CA GLU B 187 -33.20 -15.10 18.13
C GLU B 187 -34.68 -15.24 17.76
N LYS B 188 -34.99 -15.02 16.49
CA LYS B 188 -36.36 -15.17 16.00
C LYS B 188 -36.59 -16.53 15.34
N LEU B 189 -35.60 -17.00 14.59
CA LEU B 189 -35.74 -18.26 13.86
C LEU B 189 -34.60 -19.24 14.13
N GLY B 190 -34.23 -19.39 15.40
CA GLY B 190 -33.19 -20.33 15.78
C GLY B 190 -31.82 -20.03 15.21
N ILE B 191 -30.83 -20.82 15.57
CA ILE B 191 -29.47 -20.61 15.11
C ILE B 191 -29.28 -20.98 13.64
N TYR B 192 -29.74 -22.17 13.27
CA TYR B 192 -29.53 -22.70 11.92
C TYR B 192 -30.38 -22.01 10.85
N ALA B 193 -31.70 -22.01 11.06
CA ALA B 193 -32.60 -21.35 10.13
C ALA B 193 -32.27 -19.86 10.04
N GLY B 194 -31.94 -19.27 11.19
CA GLY B 194 -31.50 -17.89 11.25
C GLY B 194 -30.25 -17.71 10.41
N GLY B 195 -29.38 -18.71 10.41
CA GLY B 195 -28.18 -18.70 9.59
C GLY B 195 -28.50 -18.75 8.10
N VAL B 196 -29.50 -19.55 7.74
CA VAL B 196 -29.95 -19.64 6.35
C VAL B 196 -30.49 -18.31 5.86
N ILE B 197 -31.49 -17.79 6.56
CA ILE B 197 -32.13 -16.53 6.17
C ILE B 197 -31.13 -15.37 6.21
N TYR B 198 -30.20 -15.39 7.16
CA TYR B 198 -29.15 -14.38 7.20
C TYR B 198 -28.22 -14.51 6.01
N PHE B 199 -27.96 -15.74 5.57
CA PHE B 199 -27.15 -15.97 4.39
C PHE B 199 -27.81 -15.32 3.18
N LEU B 200 -29.10 -15.62 3.02
CA LEU B 200 -29.89 -15.03 1.93
C LEU B 200 -29.86 -13.50 1.97
N TYR B 201 -30.08 -12.94 3.15
CA TYR B 201 -30.04 -11.50 3.36
C TYR B 201 -28.70 -10.90 2.94
N ASN B 202 -27.64 -11.41 3.55
CA ASN B 202 -26.27 -10.98 3.28
C ASN B 202 -25.97 -10.98 1.78
N VAL B 203 -26.23 -12.11 1.13
CA VAL B 203 -26.05 -12.23 -0.31
C VAL B 203 -26.82 -11.15 -1.08
N SER B 204 -28.13 -11.07 -0.81
CA SER B 204 -29.00 -10.09 -1.46
C SER B 204 -28.46 -8.67 -1.37
N VAL B 205 -28.34 -8.15 -0.15
CA VAL B 205 -27.89 -6.78 0.07
C VAL B 205 -26.49 -6.54 -0.49
N SER B 206 -25.62 -7.54 -0.36
CA SER B 206 -24.26 -7.42 -0.87
C SER B 206 -24.21 -7.25 -2.38
N ILE B 207 -24.90 -8.14 -3.10
CA ILE B 207 -24.99 -8.05 -4.55
C ILE B 207 -25.61 -6.72 -4.98
N SER B 208 -26.75 -6.40 -4.38
CA SER B 208 -27.47 -5.17 -4.70
C SER B 208 -26.58 -3.93 -4.56
N LEU B 209 -26.02 -3.76 -3.36
CA LEU B 209 -25.15 -2.63 -3.05
C LEU B 209 -23.91 -2.60 -3.93
N GLY B 210 -23.38 -3.77 -4.24
CA GLY B 210 -22.20 -3.89 -5.09
C GLY B 210 -22.46 -3.37 -6.49
N ILE B 211 -23.53 -3.87 -7.11
CA ILE B 211 -23.95 -3.41 -8.42
C ILE B 211 -24.21 -1.91 -8.41
N PHE B 212 -25.00 -1.46 -7.43
CA PHE B 212 -25.33 -0.05 -7.26
C PHE B 212 -24.09 0.85 -7.22
N LEU B 213 -23.18 0.54 -6.31
CA LEU B 213 -21.97 1.33 -6.12
C LEU B 213 -21.05 1.28 -7.33
N GLY B 214 -20.95 0.10 -7.97
CA GLY B 214 -20.15 -0.03 -9.17
C GLY B 214 -20.66 0.88 -10.27
N ILE B 215 -21.96 0.80 -10.54
CA ILE B 215 -22.60 1.64 -11.55
C ILE B 215 -22.42 3.12 -11.25
N LEU B 216 -22.83 3.53 -10.04
CA LEU B 216 -22.76 4.92 -9.63
C LEU B 216 -21.34 5.46 -9.74
N GLY B 217 -20.37 4.62 -9.38
CA GLY B 217 -18.96 4.98 -9.50
C GLY B 217 -18.55 5.19 -10.95
N TYR B 218 -18.95 4.25 -11.81
CA TYR B 218 -18.69 4.37 -13.25
C TYR B 218 -19.21 5.69 -13.82
N LYS B 219 -20.49 5.95 -13.55
CA LYS B 219 -21.13 7.19 -14.02
C LYS B 219 -20.41 8.41 -13.45
N PHE B 220 -19.98 8.32 -12.20
CA PHE B 220 -19.24 9.40 -11.57
C PHE B 220 -17.93 9.65 -12.32
N ILE B 221 -17.27 8.58 -12.72
CA ILE B 221 -16.04 8.67 -13.50
C ILE B 221 -16.29 9.37 -14.83
N LYS B 222 -17.34 8.96 -15.53
CA LYS B 222 -17.68 9.59 -16.81
C LYS B 222 -17.97 11.08 -16.65
N ARG B 223 -18.84 11.42 -15.69
CA ARG B 223 -19.20 12.80 -15.42
C ARG B 223 -17.97 13.65 -15.08
N THR B 224 -17.32 13.31 -13.97
CA THR B 224 -16.21 14.12 -13.47
C THR B 224 -14.97 14.03 -14.33
N GLY B 225 -14.92 13.03 -15.20
CA GLY B 225 -13.77 12.83 -16.08
C GLY B 225 -12.55 12.37 -15.31
N ILE B 226 -12.56 11.11 -14.91
CA ILE B 226 -11.47 10.52 -14.13
C ILE B 226 -10.76 9.44 -14.94
N PHE B 227 -9.79 9.85 -15.76
CA PHE B 227 -9.08 8.91 -16.62
C PHE B 227 -7.57 9.05 -16.48
N ASP B 228 -7.15 10.11 -15.80
CA ASP B 228 -5.73 10.43 -15.69
C ASP B 228 -5.13 10.10 -14.33
N PHE B 229 -3.85 9.77 -14.33
CA PHE B 229 -3.09 9.53 -13.11
C PHE B 229 -3.07 10.81 -12.26
N PRO B 230 -3.17 10.67 -10.93
CA PRO B 230 -3.35 9.42 -10.19
C PRO B 230 -4.78 9.29 -9.68
N GLU B 231 -5.70 10.02 -10.30
CA GLU B 231 -7.09 10.04 -9.83
C GLU B 231 -7.81 8.70 -9.91
N ILE B 232 -7.72 8.04 -11.06
CA ILE B 232 -8.45 6.79 -11.28
C ILE B 232 -8.10 5.68 -10.28
N GLU B 233 -6.81 5.50 -10.01
CA GLU B 233 -6.35 4.47 -9.07
C GLU B 233 -6.89 4.72 -7.66
N ALA B 234 -6.55 5.88 -7.11
CA ALA B 234 -6.97 6.26 -5.77
C ALA B 234 -8.48 6.23 -5.62
N PHE B 235 -9.20 6.74 -6.61
CA PHE B 235 -10.65 6.75 -6.57
C PHE B 235 -11.24 5.36 -6.57
N SER B 236 -10.71 4.49 -7.43
CA SER B 236 -11.20 3.12 -7.52
C SER B 236 -10.98 2.37 -6.23
N LEU B 237 -9.78 2.52 -5.67
CA LEU B 237 -9.43 1.94 -4.38
C LEU B 237 -10.42 2.40 -3.32
N SER B 238 -10.61 3.72 -3.25
CA SER B 238 -11.54 4.33 -2.32
C SER B 238 -12.95 3.80 -2.49
N LEU B 239 -13.30 3.48 -3.73
CA LEU B 239 -14.63 2.98 -4.06
C LEU B 239 -14.79 1.55 -3.53
N ALA B 240 -13.76 0.74 -3.77
CA ALA B 240 -13.75 -0.63 -3.30
C ALA B 240 -13.91 -0.69 -1.78
N PHE B 241 -13.07 0.07 -1.07
CA PHE B 241 -13.15 0.08 0.39
C PHE B 241 -14.41 0.78 0.91
N LEU B 242 -14.99 1.67 0.09
CA LEU B 242 -16.26 2.28 0.44
C LEU B 242 -17.34 1.22 0.44
N GLY B 243 -17.36 0.42 -0.61
CA GLY B 243 -18.27 -0.70 -0.70
C GLY B 243 -18.07 -1.67 0.45
N PHE B 244 -16.82 -1.94 0.79
CA PHE B 244 -16.52 -2.83 1.90
C PHE B 244 -17.05 -2.32 3.24
N PHE B 245 -16.75 -1.08 3.55
CA PHE B 245 -17.13 -0.52 4.85
C PHE B 245 -18.63 -0.26 4.98
N ILE B 246 -19.24 0.27 3.92
CA ILE B 246 -20.69 0.44 3.90
C ILE B 246 -21.38 -0.91 4.04
N GLY B 247 -20.89 -1.89 3.28
CA GLY B 247 -21.43 -3.25 3.33
C GLY B 247 -21.33 -3.88 4.71
N GLU B 248 -20.16 -3.75 5.33
CA GLU B 248 -19.94 -4.32 6.65
C GLU B 248 -20.67 -3.50 7.72
N ARG B 249 -21.08 -2.29 7.37
CA ARG B 249 -21.75 -1.39 8.29
C ARG B 249 -23.21 -1.80 8.50
N LEU B 250 -23.80 -2.37 7.46
CA LEU B 250 -25.17 -2.87 7.54
C LEU B 250 -25.20 -4.39 7.57
N ASP B 251 -24.15 -4.97 8.14
CA ASP B 251 -24.06 -6.42 8.37
C ASP B 251 -24.13 -7.24 7.09
N ALA B 252 -23.39 -6.80 6.07
CA ALA B 252 -23.27 -7.56 4.83
C ALA B 252 -21.79 -7.76 4.51
N SER B 253 -21.49 -8.83 3.79
CA SER B 253 -20.11 -9.11 3.39
C SER B 253 -19.56 -8.00 2.50
N GLY B 254 -18.72 -7.15 3.08
CA GLY B 254 -18.09 -6.08 2.33
C GLY B 254 -17.19 -6.63 1.24
N TYR B 255 -16.60 -7.79 1.50
CA TYR B 255 -15.76 -8.48 0.53
C TYR B 255 -16.55 -8.77 -0.74
N LEU B 256 -17.71 -9.40 -0.56
CA LEU B 256 -18.60 -9.72 -1.68
C LEU B 256 -18.99 -8.46 -2.45
N VAL B 257 -19.38 -7.42 -1.71
CA VAL B 257 -19.72 -6.12 -2.30
C VAL B 257 -18.62 -5.61 -3.20
N ALA B 258 -17.41 -5.51 -2.64
CA ALA B 258 -16.24 -5.04 -3.38
C ALA B 258 -15.99 -5.89 -4.64
N THR B 259 -16.13 -7.20 -4.49
CA THR B 259 -15.98 -8.12 -5.62
C THR B 259 -16.97 -7.77 -6.73
N VAL B 260 -18.24 -7.62 -6.36
CA VAL B 260 -19.30 -7.25 -7.30
C VAL B 260 -18.98 -5.94 -8.01
N THR B 261 -18.50 -4.95 -7.25
CA THR B 261 -18.10 -3.67 -7.81
C THR B 261 -17.01 -3.90 -8.86
N GLY B 262 -16.07 -4.76 -8.54
CA GLY B 262 -15.01 -5.14 -9.46
C GLY B 262 -15.58 -5.75 -10.74
N ILE B 263 -16.64 -6.54 -10.60
CA ILE B 263 -17.31 -7.13 -11.75
C ILE B 263 -17.95 -6.04 -12.62
N VAL B 264 -18.62 -5.09 -11.97
CA VAL B 264 -19.24 -3.97 -12.67
C VAL B 264 -18.21 -3.19 -13.48
N LEU B 265 -17.14 -2.76 -12.83
CA LEU B 265 -16.10 -2.01 -13.51
C LEU B 265 -15.42 -2.85 -14.60
N GLY B 266 -15.33 -4.15 -14.37
CA GLY B 266 -14.77 -5.05 -15.37
C GLY B 266 -15.68 -5.14 -16.58
N ASN B 267 -16.97 -4.91 -16.36
CA ASN B 267 -17.96 -4.94 -17.43
C ASN B 267 -18.55 -3.56 -17.68
N TYR B 268 -17.69 -2.55 -17.73
CA TYR B 268 -18.12 -1.15 -17.90
C TYR B 268 -18.64 -0.88 -19.31
N LYS B 269 -18.16 -1.66 -20.27
CA LYS B 269 -18.56 -1.49 -21.67
C LYS B 269 -19.99 -1.96 -21.94
N LEU B 270 -20.54 -2.73 -20.99
CA LEU B 270 -21.82 -3.41 -21.21
C LEU B 270 -23.02 -2.64 -20.66
N LEU B 271 -22.89 -2.12 -19.44
CA LEU B 271 -24.01 -1.56 -18.70
C LEU B 271 -24.70 -0.35 -19.35
N LYS B 272 -23.95 0.71 -19.61
CA LYS B 272 -24.51 1.95 -20.12
C LYS B 272 -24.14 2.20 -21.59
N PRO B 273 -24.97 2.97 -22.33
CA PRO B 273 -24.85 3.18 -23.77
C PRO B 273 -23.43 3.39 -24.30
N ARG B 274 -23.15 2.81 -25.46
CA ARG B 274 -21.85 2.91 -26.11
C ARG B 274 -21.53 4.36 -26.45
N GLU B 275 -20.37 4.82 -26.02
CA GLU B 275 -19.89 6.15 -26.37
C GLU B 275 -19.14 6.06 -27.69
N ASN B 276 -18.67 7.20 -28.20
CA ASN B 276 -17.78 7.18 -29.36
C ASN B 276 -16.49 6.43 -29.00
N ILE B 277 -15.86 5.83 -30.01
CA ILE B 277 -14.68 4.98 -29.81
C ILE B 277 -13.56 5.69 -29.04
N ARG B 278 -13.52 7.01 -29.14
CA ARG B 278 -12.53 7.82 -28.46
C ARG B 278 -12.70 7.72 -26.93
N ILE B 279 -13.91 7.99 -26.47
CA ILE B 279 -14.24 7.87 -25.05
C ILE B 279 -14.01 6.44 -24.55
N LEU B 280 -14.44 5.46 -25.35
CA LEU B 280 -14.25 4.05 -24.99
C LEU B 280 -12.78 3.72 -24.80
N LYS B 281 -11.93 4.22 -25.69
CA LYS B 281 -10.49 4.04 -25.55
C LYS B 281 -9.97 4.72 -24.29
N ARG B 282 -10.49 5.91 -24.01
CA ARG B 282 -10.09 6.66 -22.81
C ARG B 282 -10.37 5.86 -21.54
N LEU B 283 -11.63 5.48 -21.37
CA LEU B 283 -12.06 4.65 -20.24
C LEU B 283 -11.27 3.35 -20.18
N GLN B 284 -10.97 2.78 -21.35
CA GLN B 284 -10.16 1.57 -21.42
C GLN B 284 -8.79 1.80 -20.79
N ARG B 285 -8.12 2.88 -21.19
CA ARG B 285 -6.82 3.23 -20.63
C ARG B 285 -6.90 3.42 -19.11
N ALA B 286 -7.91 4.16 -18.68
CA ALA B 286 -8.12 4.40 -17.25
C ALA B 286 -8.22 3.10 -16.47
N ILE B 287 -9.17 2.26 -16.89
CA ILE B 287 -9.36 0.94 -16.29
C ILE B 287 -8.07 0.12 -16.31
N GLU B 288 -7.27 0.26 -17.37
CA GLU B 288 -6.00 -0.46 -17.45
C GLU B 288 -5.02 -0.01 -16.37
N LYS B 289 -4.90 1.31 -16.18
CA LYS B 289 -4.05 1.85 -15.13
C LYS B 289 -4.49 1.37 -13.75
N GLU B 290 -5.78 1.58 -13.46
CA GLU B 290 -6.40 1.15 -12.21
C GLU B 290 -6.11 -0.31 -11.92
N VAL B 291 -6.45 -1.17 -12.89
CA VAL B 291 -6.19 -2.59 -12.82
C VAL B 291 -4.74 -2.87 -12.52
N HIS B 292 -3.83 -2.18 -13.19
CA HIS B 292 -2.40 -2.37 -12.96
C HIS B 292 -2.05 -2.15 -11.48
N PHE B 293 -2.35 -0.96 -10.99
CA PHE B 293 -2.04 -0.63 -9.59
C PHE B 293 -2.66 -1.61 -8.60
N ASN B 294 -3.98 -1.78 -8.68
CA ASN B 294 -4.70 -2.63 -7.74
C ASN B 294 -4.27 -4.10 -7.79
N ASP B 295 -4.00 -4.60 -8.98
CA ASP B 295 -3.51 -5.98 -9.15
C ASP B 295 -2.10 -6.14 -8.59
N THR B 296 -1.29 -5.08 -8.68
CA THR B 296 0.02 -5.10 -8.06
C THR B 296 -0.16 -5.24 -6.54
N LEU B 297 -1.07 -4.44 -5.99
CA LEU B 297 -1.40 -4.53 -4.57
C LEU B 297 -1.89 -5.92 -4.18
N ALA B 298 -2.71 -6.53 -5.02
CA ALA B 298 -3.24 -7.86 -4.77
C ALA B 298 -2.15 -8.92 -4.83
N ALA B 299 -1.15 -8.69 -5.68
CA ALA B 299 0.00 -9.57 -5.79
C ALA B 299 0.80 -9.54 -4.49
N LEU B 300 1.15 -8.32 -4.06
CA LEU B 300 1.86 -8.15 -2.80
C LEU B 300 1.09 -8.79 -1.65
N ALA B 301 -0.22 -8.55 -1.62
CA ALA B 301 -1.10 -9.09 -0.60
C ALA B 301 -1.06 -10.62 -0.57
N THR B 302 -1.12 -11.22 -1.75
CA THR B 302 -1.04 -12.67 -1.89
C THR B 302 0.26 -13.20 -1.31
N ILE B 303 1.37 -12.61 -1.75
CA ILE B 303 2.70 -12.93 -1.25
C ILE B 303 2.71 -12.95 0.27
N PHE B 304 2.31 -11.82 0.86
CA PHE B 304 2.27 -11.69 2.32
C PHE B 304 1.38 -12.73 2.99
N ILE B 305 0.20 -12.99 2.43
CA ILE B 305 -0.70 -13.99 2.97
C ILE B 305 -0.03 -15.37 3.07
N PHE B 306 0.43 -15.87 1.92
CA PHE B 306 1.05 -17.20 1.89
C PHE B 306 2.31 -17.31 2.74
N VAL B 307 3.19 -16.32 2.66
CA VAL B 307 4.42 -16.33 3.46
C VAL B 307 4.13 -16.29 4.96
N LEU B 308 3.27 -15.36 5.37
CA LEU B 308 2.83 -15.26 6.76
C LEU B 308 2.28 -16.58 7.25
N LEU B 309 1.41 -17.20 6.45
CA LEU B 309 0.85 -18.50 6.79
C LEU B 309 1.96 -19.52 7.00
N GLY B 310 2.95 -19.50 6.11
CA GLY B 310 4.08 -20.41 6.22
C GLY B 310 4.92 -20.19 7.46
N ALA B 311 4.97 -18.96 7.94
CA ALA B 311 5.78 -18.62 9.10
C ALA B 311 5.00 -18.69 10.40
N GLU B 312 3.69 -18.93 10.29
CA GLU B 312 2.82 -18.88 11.46
C GLU B 312 2.47 -20.25 12.01
N ASN B 314 2.41 -24.12 13.45
CA ASN B 314 3.16 -24.79 14.51
C ASN B 314 3.49 -26.23 14.15
N LEU B 315 4.78 -26.52 14.01
CA LEU B 315 5.27 -27.80 13.52
C LEU B 315 4.78 -29.01 14.31
N GLU B 316 4.92 -28.95 15.63
CA GLU B 316 4.52 -30.06 16.50
C GLU B 316 3.05 -30.43 16.33
N VAL B 317 2.19 -29.42 16.24
CA VAL B 317 0.76 -29.65 16.08
C VAL B 317 0.44 -30.30 14.73
N ILE B 318 1.05 -29.81 13.66
CA ILE B 318 0.80 -30.37 12.33
C ILE B 318 1.38 -31.77 12.18
N TRP B 319 2.45 -32.08 12.90
CA TRP B 319 3.05 -33.40 12.82
C TRP B 319 2.31 -34.41 13.67
N SER B 320 1.79 -33.95 14.80
CA SER B 320 1.01 -34.80 15.69
C SER B 320 -0.33 -35.17 15.05
N ASN B 321 -0.68 -34.44 13.99
CA ASN B 321 -1.91 -34.68 13.26
C ASN B 321 -1.70 -34.72 11.75
N LEU B 322 -0.48 -35.09 11.33
CA LEU B 322 -0.14 -35.14 9.91
C LEU B 322 -1.07 -36.08 9.15
N GLY B 323 -1.06 -37.35 9.51
CA GLY B 323 -1.87 -38.35 8.83
C GLY B 323 -3.36 -38.04 8.89
N LYS B 324 -3.83 -37.66 10.06
CA LYS B 324 -5.24 -37.30 10.25
C LYS B 324 -5.70 -36.23 9.28
N GLY B 325 -5.13 -35.04 9.40
CA GLY B 325 -5.46 -33.92 8.52
C GLY B 325 -5.15 -34.19 7.05
N LEU B 326 -4.21 -35.10 6.80
CA LEU B 326 -3.87 -35.49 5.44
C LEU B 326 -5.03 -36.27 4.82
N LEU B 327 -5.57 -37.20 5.60
CA LEU B 327 -6.71 -37.99 5.13
C LEU B 327 -7.99 -37.17 5.14
N VAL B 328 -7.98 -36.07 5.89
CA VAL B 328 -9.05 -35.09 5.80
C VAL B 328 -8.94 -34.36 4.46
N ALA B 329 -7.70 -34.05 4.08
CA ALA B 329 -7.41 -33.38 2.82
C ALA B 329 -7.82 -34.21 1.62
N LEU B 330 -7.22 -35.39 1.50
CA LEU B 330 -7.55 -36.32 0.43
C LEU B 330 -9.03 -36.72 0.52
N GLY B 331 -9.55 -36.72 1.75
CA GLY B 331 -10.95 -36.98 1.97
C GLY B 331 -11.85 -35.96 1.30
N VAL B 332 -11.54 -34.67 1.46
CA VAL B 332 -12.37 -33.63 0.87
C VAL B 332 -12.10 -33.45 -0.63
N ILE B 334 -11.24 -36.00 -2.73
CA ILE B 334 -11.81 -37.16 -3.43
C ILE B 334 -13.29 -37.36 -3.15
N LEU B 335 -13.70 -37.19 -1.90
CA LEU B 335 -15.08 -37.50 -1.50
C LEU B 335 -16.02 -36.30 -1.46
N ALA B 336 -15.55 -35.20 -0.87
CA ALA B 336 -16.41 -34.01 -0.69
C ALA B 336 -16.74 -33.31 -2.00
N ARG B 337 -15.71 -32.76 -2.63
CA ARG B 337 -15.87 -31.96 -3.85
C ARG B 337 -16.72 -32.61 -4.96
N PRO B 338 -16.42 -33.86 -5.35
CA PRO B 338 -17.25 -34.45 -6.41
C PRO B 338 -18.70 -34.70 -5.94
N LEU B 339 -18.87 -35.10 -4.70
CA LEU B 339 -20.19 -35.34 -4.13
C LEU B 339 -21.04 -34.08 -4.19
N ALA B 340 -20.39 -32.95 -3.89
CA ALA B 340 -21.06 -31.66 -3.94
C ALA B 340 -21.31 -31.25 -5.39
N THR B 341 -20.40 -31.64 -6.26
CA THR B 341 -20.47 -31.28 -7.67
C THR B 341 -21.55 -32.08 -8.39
N LEU B 342 -22.00 -33.17 -7.77
CA LEU B 342 -22.91 -34.15 -8.38
C LEU B 342 -24.03 -33.61 -9.30
N PRO B 343 -24.77 -32.58 -8.88
CA PRO B 343 -25.85 -32.09 -9.76
C PRO B 343 -25.37 -31.45 -11.06
N LEU B 344 -24.05 -31.36 -11.27
CA LEU B 344 -23.52 -30.76 -12.49
C LEU B 344 -23.80 -31.61 -13.72
N LEU B 345 -23.59 -32.92 -13.60
CA LEU B 345 -23.83 -33.84 -14.72
C LEU B 345 -25.31 -33.91 -15.11
N LYS B 346 -26.17 -33.36 -14.27
CA LYS B 346 -27.59 -33.28 -14.57
C LYS B 346 -27.84 -32.23 -15.64
N TRP B 347 -26.86 -31.36 -15.85
CA TRP B 347 -26.92 -30.32 -16.88
C TRP B 347 -25.64 -30.30 -17.71
N TRP B 348 -24.75 -31.24 -17.43
CA TRP B 348 -23.48 -31.34 -18.15
C TRP B 348 -23.19 -32.79 -18.49
N ASN B 349 -22.24 -33.00 -19.41
CA ASN B 349 -21.78 -34.35 -19.69
C ASN B 349 -20.91 -34.83 -18.54
N PHE B 350 -20.98 -36.12 -18.22
CA PHE B 350 -20.27 -36.68 -17.07
C PHE B 350 -18.76 -36.47 -17.14
N ARG B 351 -18.21 -36.65 -18.34
CA ARG B 351 -16.78 -36.52 -18.55
C ARG B 351 -16.31 -35.08 -18.33
N GLU B 352 -17.24 -34.13 -18.49
CA GLU B 352 -16.98 -32.73 -18.16
C GLU B 352 -17.08 -32.54 -16.65
N TYR B 353 -18.24 -32.95 -16.12
CA TYR B 353 -18.56 -32.83 -14.70
C TYR B 353 -17.45 -33.33 -13.78
N LEU B 354 -16.90 -34.50 -14.11
CA LEU B 354 -15.91 -35.13 -13.27
C LEU B 354 -14.63 -34.30 -13.22
N PHE B 355 -14.18 -33.85 -14.39
CA PHE B 355 -13.00 -32.99 -14.47
C PHE B 355 -13.21 -31.73 -13.65
N ILE B 356 -14.35 -31.06 -13.89
CA ILE B 356 -14.70 -29.84 -13.17
C ILE B 356 -14.65 -30.06 -11.66
N ALA B 357 -15.20 -31.18 -11.21
CA ALA B 357 -15.17 -31.55 -9.80
C ALA B 357 -13.73 -31.70 -9.31
N LEU B 358 -13.09 -32.78 -9.76
CA LEU B 358 -11.75 -33.15 -9.32
C LEU B 358 -10.73 -32.02 -9.34
N GLU B 359 -10.77 -31.18 -10.38
CA GLU B 359 -9.70 -30.22 -10.60
C GLU B 359 -9.57 -29.09 -9.57
N GLY B 360 -10.70 -28.60 -9.06
CA GLY B 360 -10.70 -27.48 -8.13
C GLY B 360 -9.93 -27.71 -6.84
N PRO B 361 -8.88 -26.90 -6.61
CA PRO B 361 -8.06 -27.01 -5.39
C PRO B 361 -8.39 -25.90 -4.39
N ARG B 362 -7.65 -25.86 -3.29
CA ARG B 362 -7.79 -24.82 -2.29
C ARG B 362 -6.56 -23.93 -2.30
N GLY B 363 -6.75 -22.63 -2.08
CA GLY B 363 -5.66 -21.69 -2.21
C GLY B 363 -5.59 -20.54 -1.20
N VAL B 364 -5.53 -19.32 -1.73
CA VAL B 364 -5.27 -18.13 -0.92
C VAL B 364 -6.33 -17.80 0.14
N VAL B 365 -7.60 -17.82 -0.24
CA VAL B 365 -8.68 -17.43 0.67
C VAL B 365 -8.72 -18.26 1.97
N PRO B 366 -8.72 -19.60 1.87
CA PRO B 366 -8.70 -20.37 3.12
C PRO B 366 -7.39 -20.16 3.88
N SER B 367 -6.31 -19.92 3.15
CA SER B 367 -5.01 -19.66 3.75
C SER B 367 -5.03 -18.38 4.58
N ALA B 368 -5.88 -17.45 4.17
CA ALA B 368 -6.06 -16.20 4.90
C ALA B 368 -7.00 -16.44 6.08
N LEU B 369 -8.01 -17.27 5.86
CA LEU B 369 -8.98 -17.59 6.89
C LEU B 369 -8.43 -18.61 7.89
N ALA B 370 -7.33 -19.25 7.53
CA ALA B 370 -6.76 -20.35 8.31
C ALA B 370 -6.49 -20.02 9.78
N SER B 371 -5.81 -18.91 10.01
CA SER B 371 -5.38 -18.54 11.36
C SER B 371 -6.47 -17.79 12.11
N LEU B 372 -7.49 -17.35 11.39
CA LEU B 372 -8.59 -16.57 11.98
C LEU B 372 -9.24 -17.22 13.22
N PRO B 373 -9.59 -18.51 13.16
CA PRO B 373 -10.18 -19.11 14.37
C PRO B 373 -9.19 -19.14 15.54
N LEU B 374 -7.91 -19.35 15.26
CA LEU B 374 -6.89 -19.37 16.29
C LEU B 374 -6.74 -18.02 16.97
N SER B 375 -6.47 -16.99 16.16
CA SER B 375 -6.33 -15.63 16.66
C SER B 375 -7.58 -15.20 17.43
N LEU B 376 -8.74 -15.52 16.89
CA LEU B 376 -10.00 -15.16 17.51
C LEU B 376 -10.18 -15.88 18.85
N ALA B 377 -9.66 -17.11 18.92
CA ALA B 377 -9.69 -17.88 20.15
C ALA B 377 -8.80 -17.23 21.21
N LEU B 378 -7.59 -16.89 20.82
CA LEU B 378 -6.64 -16.23 21.72
C LEU B 378 -7.18 -14.91 22.24
N LYS B 379 -7.81 -14.15 21.37
CA LYS B 379 -8.35 -12.84 21.74
C LYS B 379 -9.62 -12.94 22.58
N TYR B 380 -10.70 -13.41 21.97
CA TYR B 380 -11.99 -13.47 22.66
C TYR B 380 -12.00 -14.43 23.84
N LYS B 381 -11.15 -15.45 23.78
CA LYS B 381 -10.96 -16.38 24.90
C LYS B 381 -12.27 -17.04 25.32
N SER B 382 -12.97 -17.60 24.35
CA SER B 382 -14.28 -18.21 24.59
C SER B 382 -14.18 -19.74 24.69
N PRO B 383 -15.03 -20.34 25.54
CA PRO B 383 -14.96 -21.77 25.86
C PRO B 383 -15.41 -22.70 24.72
N LEU B 384 -16.36 -22.28 23.91
CA LEU B 384 -16.91 -23.11 22.84
C LEU B 384 -15.85 -23.63 21.88
N LEU B 385 -15.07 -22.71 21.32
CA LEU B 385 -13.94 -23.09 20.48
C LEU B 385 -12.64 -22.96 21.25
N THR B 386 -11.87 -24.04 21.32
CA THR B 386 -10.63 -24.05 22.09
C THR B 386 -9.42 -23.67 21.23
N VAL B 387 -8.39 -23.13 21.89
CA VAL B 387 -7.15 -22.77 21.21
C VAL B 387 -6.54 -23.97 20.50
N HIS B 388 -6.57 -25.11 21.17
CA HIS B 388 -6.04 -26.35 20.61
C HIS B 388 -6.77 -26.71 19.32
N TRP B 389 -8.09 -26.63 19.35
CA TRP B 389 -8.90 -26.89 18.16
C TRP B 389 -8.65 -25.83 17.08
N GLY B 390 -8.23 -24.64 17.48
CA GLY B 390 -7.84 -23.61 16.54
C GLY B 390 -6.58 -24.03 15.81
N GLU B 391 -5.61 -24.55 16.57
CA GLU B 391 -4.39 -25.07 16.00
C GLU B 391 -4.68 -26.23 15.06
N ILE B 392 -5.64 -27.06 15.45
CA ILE B 392 -6.09 -28.18 14.63
C ILE B 392 -6.63 -27.68 13.29
N ILE B 393 -7.58 -26.75 13.36
CA ILE B 393 -8.16 -26.13 12.18
C ILE B 393 -7.09 -25.60 11.26
N ALA B 395 -3.81 -26.15 11.12
CA ALA B 395 -2.97 -27.23 10.60
C ALA B 395 -3.65 -27.95 9.44
N THR B 396 -4.87 -28.42 9.67
CA THR B 396 -5.66 -29.08 8.64
C THR B 396 -5.74 -28.24 7.37
N VAL B 397 -6.16 -26.99 7.52
CA VAL B 397 -6.28 -26.07 6.39
C VAL B 397 -4.99 -25.96 5.58
N VAL B 398 -3.87 -25.79 6.29
CA VAL B 398 -2.56 -25.78 5.66
C VAL B 398 -2.33 -27.04 4.83
N ILE B 399 -2.55 -28.19 5.47
CA ILE B 399 -2.37 -29.49 4.82
C ILE B 399 -3.20 -29.63 3.55
N THR B 400 -4.51 -29.43 3.65
CA THR B 400 -5.37 -29.55 2.48
C THR B 400 -5.05 -28.52 1.40
N VAL B 401 -4.60 -27.33 1.79
CA VAL B 401 -4.18 -26.34 0.81
C VAL B 401 -2.99 -26.85 0.00
N LEU B 402 -1.90 -27.18 0.70
CA LEU B 402 -0.69 -27.68 0.05
C LEU B 402 -0.97 -28.91 -0.81
N THR B 403 -1.56 -29.92 -0.19
CA THR B 403 -1.87 -31.18 -0.88
C THR B 403 -2.76 -30.97 -2.10
N SER B 404 -3.85 -30.23 -1.94
CA SER B 404 -4.76 -29.98 -3.05
C SER B 404 -4.03 -29.28 -4.20
N VAL B 405 -3.36 -28.16 -3.88
CA VAL B 405 -2.59 -27.43 -4.88
C VAL B 405 -1.63 -28.32 -5.65
N ILE B 406 -0.71 -29.00 -4.94
CA ILE B 406 0.31 -29.80 -5.60
C ILE B 406 -0.26 -30.99 -6.37
N VAL B 407 -1.26 -31.66 -5.80
CA VAL B 407 -1.86 -32.83 -6.44
C VAL B 407 -2.61 -32.44 -7.72
N GLU B 408 -3.39 -31.37 -7.65
CA GLU B 408 -4.08 -30.89 -8.85
C GLU B 408 -3.08 -30.49 -9.92
N THR B 409 -2.13 -29.64 -9.52
CA THR B 409 -1.10 -29.12 -10.41
C THR B 409 -0.30 -30.22 -11.09
N LEU B 410 -0.12 -31.35 -10.42
CA LEU B 410 0.66 -32.44 -10.97
C LEU B 410 -0.16 -33.49 -11.73
N TRP B 411 -1.42 -33.67 -11.34
CA TRP B 411 -2.26 -34.70 -11.95
C TRP B 411 -3.09 -34.17 -13.13
N ILE B 412 -3.07 -32.86 -13.33
CA ILE B 412 -3.78 -32.25 -14.47
C ILE B 412 -3.41 -32.73 -15.89
N PRO B 413 -2.10 -32.91 -16.20
CA PRO B 413 -1.78 -33.27 -17.59
C PRO B 413 -2.39 -34.59 -18.03
N ILE B 414 -2.12 -35.66 -17.28
CA ILE B 414 -2.63 -36.98 -17.61
C ILE B 414 -4.15 -37.04 -17.58
N LEU B 415 -4.76 -36.20 -16.75
CA LEU B 415 -6.21 -36.20 -16.59
C LEU B 415 -6.90 -35.66 -17.84
N LYS B 416 -6.21 -34.80 -18.58
CA LYS B 416 -6.71 -34.31 -19.85
C LYS B 416 -6.72 -35.44 -20.89
N ASP B 417 -5.64 -36.20 -20.92
CA ASP B 417 -5.48 -37.30 -21.86
C ASP B 417 -6.61 -38.33 -21.76
N LYS B 418 -7.13 -38.50 -20.55
CA LYS B 418 -8.19 -39.48 -20.31
C LYS B 418 -9.57 -38.87 -20.53
N LEU B 419 -9.64 -37.54 -20.53
CA LEU B 419 -10.92 -36.85 -20.65
C LEU B 419 -11.09 -36.09 -21.98
N ASP B 420 -10.00 -35.91 -22.70
CA ASP B 420 -10.07 -35.31 -24.04
C ASP B 420 -10.09 -36.38 -25.12
N VAL B 421 -9.09 -37.27 -25.10
CA VAL B 421 -9.00 -38.33 -26.08
C VAL B 421 -10.14 -39.34 -25.92
N GLY B 422 -10.37 -39.79 -24.69
CA GLY B 422 -11.43 -40.73 -24.41
C GLY B 422 -10.91 -42.15 -24.24
#